data_6AD0
#
_entry.id   6AD0
#
_cell.length_a   1.00
_cell.length_b   1.00
_cell.length_c   1.00
_cell.angle_alpha   90.00
_cell.angle_beta   90.00
_cell.angle_gamma   90.00
#
_symmetry.space_group_name_H-M   'P 1'
#
loop_
_entity.id
_entity.type
_entity.pdbx_description
1 polymer 'VL of Fab 2G8'
2 polymer 'VH of Fab 2G8'
3 polymer VP1
4 polymer VP2
5 polymer VP3
6 polymer VP4
7 non-polymer SPHINGOSINE
#
loop_
_entity_poly.entity_id
_entity_poly.type
_entity_poly.pdbx_seq_one_letter_code
_entity_poly.pdbx_strand_id
1 'polypeptide(L)'
;DVLMTQTPLSLPVSLGHQASISCRSSQSIVHSNGNTYLEWYLQKPGQSPKLLIYTVSNRFSGVPDRFSGSGSGTDFTLRI
TSVEAEDLGVYYCFQGSHIPYTFGGGTKLEIKR
;
L
2 'polypeptide(L)'
;EVQLQQSGPDLVKTGASVRVSCRASGYSFTSYYIHWVRLNHGKSLEWIGYINCYNGDITYNQKFKGKASFTLDTSSSTAY
MEFNRLTSEDSAVYYCTRERYGTPHYHFDVWGAGP
;
H
3 'polypeptide(L)'
;GDPVEDIIHDALGNTARRAISSATNVESAANTTPSSHRLETGRVPALQAAETGATSNATDENMIETRCVVNRNGVLETTI
NHFFSRSGLVGVVNLTDGGTDTTGYATWDIDIMGFVQLRRKCEMFTYMRFNAEFTFVTTTENGGARPYMLQYMYVPPGAP
KPTGRDAFQWQTATNPSVFVKLTDPPAQVSVPFMSPASAYQWFYDGYPTFGQHPETSNTTYGLCPNNMMGTFAVRVVSRE
ASQLKLQTRVYMKLKHVRAWVPRPIRSQPYLLKNFPNYDSSKITNSARDRSSIKQANM
;
A
4 'polypeptide(L)'
;SPSVEACGYSDRVAQLTVGNSSITTQEAANIVLAYGEWPEYCPDTDATAVDKPTRPDVSVNRFYTLDSKMWQENSTGWYW
KFPDVLNKTGVFGQNAQFHYLYRSGFCLHVQCNASKFHQGALLVAVIPEFVIAGRGSNTKPNEAPHPGFTTTFPGTTGAT
FYDPYVLDSGVPLSQALIYPHQWINLRTNNCATVIVPYINAVPFDSAINHSNFGLIVIPVSPLKYSSGATTAIPITITIA
PLNSEFGGLRQAVSQ
;
B
5 'polypeptide(L)'
;GIPAELRPGTNQFLTTDDGTAAPILPGFTPTPTIHIPGEVHSLLELCRVETILEVNNTTEATGLTRLLIPVSSQNKADEL
CAAFMVDPGRIGPWQSTLVGQICRYYTQWSGSLKVTFMFTGSFMATGKMLVAYSPPGSAQPANRETAMLGTHVIWDFGLQ
SSVSLVIPWISNTHFRTAKTGGNYDYYTAGVVTLWYQTNYVVPPETPGEAYIIAMGAAQDNFTLKICKDTDEVTQQAVLQ
;
C
6 'polypeptide(L)' MGAQVSTQKSGSHETGNVATGGSTINFTNINYYKDSYAASATRQDFTQDPKKFTQPVLDSIRELSAPLN D
#
# COMPACT_ATOMS: atom_id res chain seq x y z
N ASP A 1 29.71 -4.22 4.28
CA ASP A 1 30.85 -3.53 3.68
C ASP A 1 31.83 -3.03 4.73
N VAL A 2 32.50 -1.91 4.44
CA VAL A 2 33.56 -1.41 5.30
C VAL A 2 33.71 0.09 5.06
N LEU A 3 34.23 0.79 6.07
CA LEU A 3 34.51 2.22 5.99
C LEU A 3 35.97 2.48 6.37
N MET A 4 36.54 3.54 5.82
CA MET A 4 37.90 3.94 6.14
C MET A 4 37.92 5.45 6.37
N THR A 5 37.99 5.86 7.63
CA THR A 5 38.25 7.26 7.93
C THR A 5 39.71 7.56 7.61
N GLN A 6 39.94 8.58 6.77
CA GLN A 6 41.24 8.71 6.15
C GLN A 6 42.30 9.34 7.05
N THR A 7 41.90 10.16 8.03
CA THR A 7 42.88 10.72 8.95
C THR A 7 42.61 10.19 10.35
N PRO A 8 43.37 9.22 10.84
CA PRO A 8 43.17 8.76 12.22
C PRO A 8 43.72 9.73 13.25
N LEU A 9 44.59 10.65 12.85
CA LEU A 9 45.13 11.67 13.75
C LEU A 9 45.27 12.96 12.97
N SER A 10 44.32 13.86 13.13
CA SER A 10 44.41 15.20 12.56
C SER A 10 44.68 16.17 13.69
N LEU A 11 45.66 17.06 13.50
CA LEU A 11 46.12 17.96 14.55
C LEU A 11 45.93 19.40 14.09
N PRO A 12 44.76 19.99 14.32
CA PRO A 12 44.49 21.34 13.84
C PRO A 12 44.91 22.39 14.86
N VAL A 13 44.93 23.62 14.40
CA VAL A 13 45.13 24.79 15.24
C VAL A 13 43.81 25.51 15.34
N SER A 14 43.51 26.09 16.52
CA SER A 14 42.31 26.89 16.69
C SER A 14 42.29 28.07 15.72
N LEU A 15 41.08 28.42 15.27
CA LEU A 15 40.83 29.21 14.06
C LEU A 15 41.56 28.57 12.87
N GLY A 16 41.06 27.39 12.52
CA GLY A 16 41.57 26.64 11.39
C GLY A 16 40.45 25.79 10.83
N HIS A 17 40.79 24.98 9.83
CA HIS A 17 39.81 24.14 9.16
C HIS A 17 40.22 22.68 9.23
N GLN A 18 39.22 21.81 9.10
CA GLN A 18 39.44 20.37 9.16
C GLN A 18 38.81 19.71 7.95
N ALA A 19 39.29 18.52 7.64
CA ALA A 19 38.66 17.68 6.63
C ALA A 19 38.90 16.22 7.04
N SER A 20 37.96 15.67 7.79
CA SER A 20 38.00 14.27 8.18
C SER A 20 37.28 13.46 7.11
N ILE A 21 37.98 12.60 6.38
CA ILE A 21 37.28 11.77 5.40
C ILE A 21 37.45 10.27 5.26
N SER A 22 36.37 9.58 4.88
CA SER A 22 36.41 8.14 4.71
C SER A 22 36.30 7.90 3.21
N CYS A 23 37.45 7.77 2.57
CA CYS A 23 37.49 7.52 1.13
C CYS A 23 36.96 6.15 0.73
N ARG A 24 37.29 5.14 1.54
CA ARG A 24 36.88 3.77 1.22
C ARG A 24 35.45 3.43 1.56
N SER A 25 34.71 3.04 0.53
CA SER A 25 33.31 2.67 0.64
C SER A 25 32.82 1.93 -0.59
N SER A 26 31.59 1.42 -0.50
CA SER A 26 30.91 0.75 -1.60
C SER A 26 30.01 1.80 -2.28
N GLN A 27 28.98 1.38 -3.01
CA GLN A 27 28.11 2.38 -3.63
C GLN A 27 27.47 3.25 -2.54
N SER A 28 26.96 2.59 -1.50
CA SER A 28 26.39 3.24 -0.33
C SER A 28 25.25 4.22 -0.59
N ILE A 29 24.48 3.97 -1.64
CA ILE A 29 23.32 4.83 -1.92
C ILE A 29 22.04 4.03 -1.84
N VAL A 30 22.15 2.72 -1.70
CA VAL A 30 21.03 1.79 -1.62
C VAL A 30 20.27 1.98 -0.32
N HIS A 31 19.29 1.09 -0.13
CA HIS A 31 18.06 1.08 0.68
C HIS A 31 16.96 1.72 -0.15
N SER A 32 17.28 2.00 -1.42
CA SER A 32 16.35 2.21 -2.53
C SER A 32 15.41 3.39 -2.38
N ASN A 33 15.55 4.22 -1.36
CA ASN A 33 14.80 5.47 -1.27
C ASN A 33 15.58 6.64 -1.81
N GLY A 34 16.58 6.40 -2.64
CA GLY A 34 17.67 7.35 -2.70
C GLY A 34 18.33 7.32 -1.34
N ASN A 35 18.63 8.51 -0.82
CA ASN A 35 18.89 8.73 0.60
C ASN A 35 20.05 7.91 1.14
N THR A 36 21.25 8.20 0.66
CA THR A 36 22.43 7.61 1.30
C THR A 36 22.59 8.21 2.69
N TYR A 37 22.76 7.35 3.70
CA TYR A 37 22.52 7.84 5.05
C TYR A 37 23.72 8.56 5.65
N LEU A 38 24.76 7.82 6.02
CA LEU A 38 26.08 8.33 6.42
C LEU A 38 26.03 9.42 7.49
N GLU A 39 25.69 9.01 8.70
CA GLU A 39 25.60 9.93 9.82
C GLU A 39 26.98 10.14 10.45
N TRP A 40 27.17 11.29 11.09
CA TRP A 40 28.39 11.58 11.83
C TRP A 40 28.12 11.60 13.32
N TYR A 41 29.18 11.39 14.11
CA TYR A 41 29.02 11.32 15.57
C TYR A 41 30.26 11.84 16.28
N LEU A 42 30.09 12.87 17.10
CA LEU A 42 31.10 13.20 18.10
C LEU A 42 31.12 12.17 19.21
N GLN A 43 32.22 12.16 19.95
CA GLN A 43 32.27 11.48 21.24
C GLN A 43 33.23 12.25 22.14
N LYS A 44 32.69 13.08 23.00
CA LYS A 44 33.49 13.66 24.06
C LYS A 44 33.92 12.54 25.01
N PRO A 45 35.16 12.58 25.53
CA PRO A 45 35.71 11.39 26.19
C PRO A 45 35.17 11.10 27.58
N GLY A 46 34.15 11.83 28.03
CA GLY A 46 33.53 11.54 29.30
C GLY A 46 32.06 11.19 29.22
N GLN A 47 31.47 11.31 28.03
CA GLN A 47 30.04 11.13 27.90
C GLN A 47 29.66 10.11 26.84
N SER A 48 28.38 10.07 26.51
CA SER A 48 27.84 9.30 25.40
C SER A 48 28.01 10.08 24.10
N PRO A 49 28.07 9.41 22.97
CA PRO A 49 28.18 10.12 21.69
C PRO A 49 26.93 10.92 21.36
N LYS A 50 27.09 11.89 20.46
CA LYS A 50 26.00 12.78 20.07
C LYS A 50 25.93 12.86 18.56
N LEU A 51 24.77 13.28 18.06
CA LEU A 51 24.63 13.47 16.63
C LEU A 51 25.32 14.73 16.15
N LEU A 52 25.39 14.82 14.83
CA LEU A 52 25.94 15.89 14.03
C LEU A 52 25.12 15.89 12.75
N ILE A 53 25.69 16.35 11.64
CA ILE A 53 25.10 16.22 10.31
C ILE A 53 24.63 14.80 10.03
N TYR A 54 23.35 14.63 9.75
CA TYR A 54 22.77 13.29 9.78
C TYR A 54 22.60 12.64 8.42
N THR A 55 22.16 13.35 7.41
CA THR A 55 22.33 12.84 6.05
C THR A 55 23.66 13.36 5.54
N VAL A 56 23.85 13.35 4.22
CA VAL A 56 25.10 13.84 3.63
C VAL A 56 25.33 15.31 3.99
N SER A 57 24.27 16.11 4.03
CA SER A 57 24.42 17.54 4.25
C SER A 57 23.62 18.13 5.40
N ASN A 58 22.45 17.57 5.72
CA ASN A 58 21.53 18.24 6.63
C ASN A 58 22.02 18.24 8.06
N ARG A 59 21.85 19.37 8.73
CA ARG A 59 22.27 19.51 10.12
C ARG A 59 21.17 19.07 11.07
N PHE A 60 21.57 18.59 12.24
CA PHE A 60 20.63 18.27 13.30
C PHE A 60 20.48 19.49 14.20
N SER A 61 19.34 19.58 14.88
CA SER A 61 19.04 20.74 15.70
C SER A 61 19.92 20.78 16.95
N GLY A 62 20.36 21.98 17.30
CA GLY A 62 21.32 22.16 18.37
C GLY A 62 22.77 22.20 17.92
N VAL A 63 23.05 21.68 16.73
CA VAL A 63 24.40 21.74 16.18
C VAL A 63 24.66 23.15 15.68
N PRO A 64 25.82 23.76 16.00
CA PRO A 64 26.10 25.13 15.57
C PRO A 64 26.30 25.29 14.07
N ASP A 65 26.52 26.53 13.62
CA ASP A 65 26.67 26.83 12.20
C ASP A 65 28.01 26.42 11.65
N ARG A 66 28.97 26.04 12.48
CA ARG A 66 30.30 25.75 12.02
C ARG A 66 30.38 24.40 11.33
N PHE A 67 29.57 23.45 11.76
CA PHE A 67 29.63 22.08 11.25
C PHE A 67 29.02 22.03 9.86
N SER A 68 29.85 21.88 8.85
CA SER A 68 29.41 21.77 7.47
C SER A 68 29.96 20.49 6.87
N GLY A 69 29.14 19.80 6.10
CA GLY A 69 29.55 18.53 5.55
C GLY A 69 28.86 18.23 4.24
N SER A 70 29.59 17.69 3.28
CA SER A 70 29.05 17.44 1.96
C SER A 70 29.69 16.19 1.40
N GLY A 71 29.57 15.99 0.09
CA GLY A 71 30.18 14.87 -0.58
C GLY A 71 29.19 14.13 -1.47
N SER A 72 29.75 13.23 -2.27
CA SER A 72 28.97 12.47 -3.23
C SER A 72 29.74 11.22 -3.60
N GLY A 73 29.01 10.24 -4.14
CA GLY A 73 29.62 9.02 -4.63
C GLY A 73 30.21 8.16 -3.55
N THR A 74 31.54 8.16 -3.46
CA THR A 74 32.26 7.48 -2.39
C THR A 74 33.23 8.43 -1.70
N ASP A 75 32.91 9.71 -1.64
CA ASP A 75 33.76 10.72 -1.01
C ASP A 75 32.91 11.58 -0.10
N PHE A 76 33.33 11.74 1.15
CA PHE A 76 32.52 12.44 2.15
C PHE A 76 33.42 13.23 3.06
N THR A 77 33.07 14.50 3.30
CA THR A 77 33.93 15.44 4.01
C THR A 77 33.17 16.09 5.16
N LEU A 78 33.91 16.46 6.20
CA LEU A 78 33.44 17.43 7.18
C LEU A 78 34.31 18.67 7.14
N ARG A 79 33.69 19.83 7.29
CA ARG A 79 34.41 21.09 7.29
C ARG A 79 33.86 21.94 8.42
N ILE A 80 34.69 22.19 9.43
CA ILE A 80 34.39 23.12 10.50
C ILE A 80 35.36 24.27 10.43
N THR A 81 34.84 25.48 10.63
CA THR A 81 35.58 26.70 10.34
C THR A 81 36.29 27.29 11.54
N SER A 82 35.77 27.06 12.74
CA SER A 82 36.37 27.59 13.97
C SER A 82 36.40 26.47 15.00
N VAL A 83 37.54 25.81 15.13
CA VAL A 83 37.68 24.72 16.09
C VAL A 83 37.72 25.33 17.48
N GLU A 84 36.65 25.15 18.25
CA GLU A 84 36.52 25.76 19.55
C GLU A 84 37.21 24.90 20.60
N ALA A 85 36.98 25.24 21.87
CA ALA A 85 37.49 24.44 22.98
C ALA A 85 36.53 23.33 23.38
N GLU A 86 35.44 23.16 22.66
CA GLU A 86 34.53 22.05 22.91
C GLU A 86 34.65 20.96 21.85
N ASP A 87 34.91 21.33 20.60
CA ASP A 87 34.97 20.37 19.49
C ASP A 87 36.32 19.65 19.54
N LEU A 88 36.44 18.74 20.50
CA LEU A 88 37.72 18.09 20.76
C LEU A 88 37.63 16.58 20.84
N GLY A 89 36.47 15.98 20.65
CA GLY A 89 36.28 14.55 20.85
C GLY A 89 36.80 13.71 19.72
N VAL A 90 36.14 12.56 19.52
CA VAL A 90 36.47 11.62 18.47
C VAL A 90 35.31 11.56 17.50
N TYR A 91 35.60 11.52 16.21
CA TYR A 91 34.60 11.55 15.16
C TYR A 91 34.41 10.18 14.53
N TYR A 92 33.16 9.75 14.43
CA TYR A 92 32.78 8.47 13.85
C TYR A 92 31.83 8.71 12.68
N CYS A 93 31.80 7.78 11.74
CA CYS A 93 30.87 7.88 10.61
C CYS A 93 30.08 6.59 10.50
N PHE A 94 28.77 6.70 10.50
CA PHE A 94 27.87 5.56 10.57
C PHE A 94 27.08 5.44 9.28
N GLN A 95 27.27 4.36 8.55
CA GLN A 95 26.45 4.13 7.38
C GLN A 95 25.29 3.22 7.71
N GLY A 96 24.18 3.37 6.99
CA GLY A 96 23.00 2.62 7.34
C GLY A 96 22.22 2.05 6.17
N SER A 97 22.90 1.79 5.06
CA SER A 97 22.20 1.23 3.92
C SER A 97 22.05 -0.27 4.05
N HIS A 98 23.17 -1.00 4.06
CA HIS A 98 23.13 -2.44 4.09
C HIS A 98 22.90 -2.95 5.51
N ILE A 99 22.84 -4.26 5.66
CA ILE A 99 22.34 -4.81 6.91
C ILE A 99 23.39 -4.81 8.03
N PRO A 100 24.63 -5.28 7.87
CA PRO A 100 25.56 -5.15 9.00
C PRO A 100 26.04 -3.72 9.10
N TYR A 101 25.51 -2.98 10.07
CA TYR A 101 25.79 -1.56 10.19
C TYR A 101 27.19 -1.38 10.73
N THR A 102 27.98 -0.55 10.07
CA THR A 102 29.38 -0.38 10.38
C THR A 102 29.66 1.06 10.78
N PHE A 103 30.58 1.24 11.72
CA PHE A 103 30.87 2.56 12.27
C PHE A 103 32.20 3.13 11.86
N GLY A 104 33.07 2.39 11.18
CA GLY A 104 34.37 2.93 10.84
C GLY A 104 35.29 3.05 12.05
N GLY A 105 36.50 3.50 11.76
CA GLY A 105 37.52 3.56 12.80
C GLY A 105 37.40 4.69 13.81
N GLY A 106 37.62 5.91 13.37
CA GLY A 106 37.67 7.02 14.29
C GLY A 106 38.66 8.07 13.82
N THR A 107 38.69 9.19 14.56
CA THR A 107 39.54 10.32 14.22
C THR A 107 39.76 11.14 15.48
N LYS A 108 41.01 11.37 15.84
CA LYS A 108 41.35 12.13 17.04
C LYS A 108 41.56 13.61 16.71
N LEU A 109 41.70 14.40 17.76
CA LEU A 109 42.06 15.81 17.67
C LEU A 109 42.92 16.15 18.88
N GLU A 110 44.05 16.81 18.66
CA GLU A 110 44.92 17.17 19.78
C GLU A 110 45.70 18.44 19.46
N ILE A 111 45.38 19.51 20.18
CA ILE A 111 46.27 20.64 20.32
C ILE A 111 45.95 21.32 21.64
N VAL B 2 13.37 12.39 28.72
CA VAL B 2 13.61 11.21 27.91
C VAL B 2 14.98 10.65 28.25
N GLN B 3 15.01 9.59 29.03
CA GLN B 3 16.26 9.02 29.52
C GLN B 3 16.24 7.51 29.36
N LEU B 4 17.43 6.93 29.19
CA LEU B 4 17.60 5.49 29.13
C LEU B 4 18.58 5.09 30.23
N GLN B 5 18.07 4.40 31.24
CA GLN B 5 18.82 4.17 32.48
C GLN B 5 19.22 2.70 32.57
N GLN B 6 20.49 2.42 32.30
CA GLN B 6 20.97 1.05 32.30
C GLN B 6 21.25 0.59 33.73
N SER B 7 21.90 -0.56 33.85
CA SER B 7 22.22 -1.15 35.15
C SER B 7 23.64 -0.78 35.56
N GLY B 8 23.99 -1.15 36.80
CA GLY B 8 25.28 -0.87 37.35
C GLY B 8 26.35 -1.81 36.81
N PRO B 9 27.58 -1.30 36.67
CA PRO B 9 28.65 -2.10 36.05
C PRO B 9 29.18 -3.16 37.02
N ASP B 10 29.17 -4.42 36.57
CA ASP B 10 29.65 -5.54 37.35
C ASP B 10 30.57 -6.38 36.49
N LEU B 11 31.72 -6.76 37.03
CA LEU B 11 32.68 -7.58 36.31
C LEU B 11 32.36 -9.06 36.48
N VAL B 12 32.44 -9.80 35.38
CA VAL B 12 32.09 -11.23 35.34
C VAL B 12 33.23 -11.97 34.65
N LYS B 13 33.68 -13.05 35.26
CA LYS B 13 34.71 -13.89 34.65
C LYS B 13 34.07 -14.86 33.64
N THR B 14 34.88 -15.80 33.14
CA THR B 14 34.50 -16.62 32.00
C THR B 14 33.46 -17.67 32.41
N GLY B 15 32.35 -17.70 31.67
CA GLY B 15 31.38 -18.77 31.85
C GLY B 15 30.08 -18.38 32.54
N ALA B 16 29.56 -17.19 32.22
CA ALA B 16 28.30 -16.74 32.79
C ALA B 16 27.69 -15.69 31.87
N SER B 17 26.51 -15.21 32.28
CA SER B 17 25.80 -14.15 31.59
C SER B 17 25.72 -12.92 32.48
N VAL B 18 25.59 -11.75 31.86
CA VAL B 18 25.59 -10.50 32.59
C VAL B 18 24.22 -9.85 32.66
N ARG B 19 23.39 -10.01 31.63
CA ARG B 19 22.01 -9.51 31.49
C ARG B 19 21.86 -8.03 31.89
N VAL B 20 22.54 -7.18 31.10
CA VAL B 20 22.50 -5.74 31.34
C VAL B 20 21.18 -5.16 30.85
N SER B 21 20.49 -4.42 31.71
CA SER B 21 19.16 -3.93 31.42
C SER B 21 19.19 -2.47 31.00
N CYS B 22 18.00 -1.92 30.75
CA CYS B 22 17.76 -0.49 30.67
C CYS B 22 16.26 -0.28 30.83
N ARG B 23 15.88 0.97 31.05
CA ARG B 23 14.49 1.32 31.28
C ARG B 23 14.15 2.60 30.57
N ALA B 24 13.24 2.53 29.60
CA ALA B 24 12.80 3.73 28.90
C ALA B 24 11.93 4.56 29.82
N SER B 25 12.29 5.82 29.97
CA SER B 25 11.65 6.70 30.94
C SER B 25 11.26 8.00 30.25
N GLY B 26 9.96 8.25 30.13
CA GLY B 26 9.46 9.52 29.67
C GLY B 26 8.72 9.49 28.35
N TYR B 27 8.56 8.34 27.72
CA TYR B 27 7.87 8.29 26.44
C TYR B 27 7.15 6.97 26.29
N SER B 28 6.46 6.83 25.16
CA SER B 28 5.71 5.62 24.85
C SER B 28 6.67 4.52 24.43
N PHE B 29 6.73 3.46 25.20
CA PHE B 29 7.74 2.43 24.98
C PHE B 29 7.39 1.50 23.83
N THR B 30 6.13 1.40 23.44
CA THR B 30 5.77 0.49 22.36
C THR B 30 5.78 1.17 21.01
N SER B 31 6.70 2.10 20.82
CA SER B 31 6.80 2.78 19.54
C SER B 31 8.24 3.00 19.09
N TYR B 32 9.19 2.22 19.56
CA TYR B 32 10.58 2.47 19.24
C TYR B 32 11.38 1.17 19.20
N TYR B 33 12.34 1.12 18.30
CA TYR B 33 13.34 0.07 18.35
C TYR B 33 14.29 0.33 19.51
N ILE B 34 15.04 -0.69 19.89
CA ILE B 34 16.17 -0.52 20.81
C ILE B 34 17.35 -1.27 20.22
N HIS B 35 18.36 -0.54 19.79
CA HIS B 35 19.58 -1.15 19.29
C HIS B 35 20.51 -1.48 20.45
N TRP B 36 21.65 -2.11 20.16
CA TRP B 36 22.64 -2.41 21.19
C TRP B 36 24.03 -2.31 20.60
N VAL B 37 24.82 -1.36 21.09
CA VAL B 37 26.11 -1.02 20.52
C VAL B 37 27.18 -1.14 21.59
N ARG B 38 28.24 -1.89 21.30
CA ARG B 38 29.34 -2.07 22.23
C ARG B 38 30.57 -1.32 21.75
N LEU B 39 31.39 -0.90 22.70
CA LEU B 39 32.58 -0.08 22.42
C LEU B 39 33.80 -0.82 22.93
N ASN B 40 34.60 -1.36 22.01
CA ASN B 40 35.83 -2.02 22.38
C ASN B 40 36.85 -1.00 22.88
N HIS B 41 37.82 -1.49 23.65
CA HIS B 41 38.74 -0.62 24.37
C HIS B 41 39.72 0.05 23.41
N GLY B 42 39.61 1.36 23.27
CA GLY B 42 40.50 2.12 22.41
C GLY B 42 40.37 1.77 20.95
N LYS B 43 39.20 1.34 20.52
CA LYS B 43 39.01 0.75 19.20
C LYS B 43 37.72 1.30 18.62
N SER B 44 37.22 0.62 17.60
CA SER B 44 35.99 1.04 16.94
C SER B 44 34.76 0.51 17.66
N LEU B 45 33.62 1.09 17.34
CA LEU B 45 32.34 0.58 17.79
C LEU B 45 31.96 -0.67 17.00
N GLU B 46 31.00 -1.41 17.54
CA GLU B 46 30.40 -2.53 16.85
C GLU B 46 28.91 -2.53 17.07
N TRP B 47 28.19 -3.10 16.13
CA TRP B 47 26.74 -3.24 16.23
C TRP B 47 26.43 -4.68 16.60
N ILE B 48 25.41 -4.88 17.43
CA ILE B 48 25.00 -6.21 17.86
C ILE B 48 23.69 -6.62 17.23
N GLY B 49 22.64 -5.83 17.43
CA GLY B 49 21.35 -6.15 16.86
C GLY B 49 20.28 -5.32 17.51
N TYR B 50 19.06 -5.47 17.01
CA TYR B 50 17.97 -4.63 17.47
C TYR B 50 16.77 -5.48 17.82
N ILE B 51 16.00 -5.01 18.79
CA ILE B 51 14.76 -5.63 19.20
C ILE B 51 13.63 -4.66 18.90
N ASN B 52 12.58 -5.14 18.26
CA ASN B 52 11.41 -4.32 17.97
C ASN B 52 10.45 -4.46 19.14
N CYS B 53 9.98 -3.34 19.66
CA CYS B 53 9.29 -3.40 20.95
C CYS B 53 7.86 -3.89 20.87
N TYR B 54 7.24 -3.88 19.69
CA TYR B 54 6.01 -4.62 19.52
C TYR B 54 6.14 -5.45 18.25
N ASN B 55 5.70 -6.71 18.38
CA ASN B 55 5.80 -7.89 17.49
C ASN B 55 7.14 -8.63 17.60
N GLY B 56 7.95 -8.39 18.62
CA GLY B 56 9.18 -9.16 18.76
C GLY B 56 10.25 -8.82 17.73
N ASP B 57 10.45 -9.71 16.76
CA ASP B 57 11.25 -9.46 15.55
C ASP B 57 12.71 -9.13 15.89
N ILE B 58 13.39 -10.14 16.41
CA ILE B 58 14.80 -10.02 16.78
C ILE B 58 15.65 -10.20 15.54
N THR B 59 16.71 -9.39 15.42
CA THR B 59 17.69 -9.56 14.35
C THR B 59 19.08 -9.32 14.91
N TYR B 60 20.04 -10.18 14.57
CA TYR B 60 21.38 -10.06 15.09
C TYR B 60 22.33 -9.61 13.99
N ASN B 61 23.62 -9.62 14.29
CA ASN B 61 24.63 -9.75 13.25
C ASN B 61 24.79 -11.21 12.86
N GLN B 62 25.74 -11.47 11.98
CA GLN B 62 26.18 -12.84 11.74
C GLN B 62 27.46 -13.18 12.51
N LYS B 63 28.10 -12.19 13.10
CA LYS B 63 29.27 -12.41 13.95
C LYS B 63 28.88 -12.69 15.39
N PHE B 64 27.59 -12.67 15.71
CA PHE B 64 27.16 -12.81 17.09
C PHE B 64 25.98 -13.78 17.22
N LYS B 65 25.77 -14.63 16.23
CA LYS B 65 24.67 -15.60 16.31
C LYS B 65 24.97 -16.68 17.33
N GLY B 66 23.92 -17.16 17.98
CA GLY B 66 24.04 -18.14 19.04
C GLY B 66 24.32 -17.56 20.40
N LYS B 67 24.96 -16.40 20.47
CA LYS B 67 25.21 -15.71 21.71
C LYS B 67 24.35 -14.46 21.76
N ALA B 68 24.15 -13.94 22.98
CA ALA B 68 23.46 -12.69 23.26
C ALA B 68 22.04 -12.69 22.70
N SER B 69 21.27 -13.67 23.14
CA SER B 69 19.89 -13.83 22.69
C SER B 69 18.97 -12.94 23.52
N PHE B 70 18.29 -12.01 22.85
CA PHE B 70 17.49 -11.00 23.52
C PHE B 70 16.23 -11.59 24.13
N THR B 71 15.51 -10.76 24.89
CA THR B 71 14.19 -11.07 25.40
C THR B 71 13.43 -9.75 25.25
N LEU B 72 12.35 -9.56 25.97
CA LEU B 72 11.60 -8.31 25.97
C LEU B 72 10.70 -8.32 27.19
N ASP B 73 10.46 -7.12 27.74
CA ASP B 73 9.49 -6.96 28.83
C ASP B 73 8.46 -5.94 28.43
N THR B 74 7.23 -6.13 28.89
CA THR B 74 6.15 -5.20 28.64
C THR B 74 5.95 -4.22 29.78
N SER B 75 6.69 -4.35 30.87
CA SER B 75 6.63 -3.38 31.96
C SER B 75 7.72 -2.32 31.84
N SER B 76 7.82 -1.74 30.64
CA SER B 76 8.78 -0.69 30.27
C SER B 76 10.21 -1.09 30.58
N SER B 77 10.65 -2.17 29.95
CA SER B 77 12.01 -2.64 30.15
C SER B 77 12.45 -3.39 28.90
N THR B 78 13.75 -3.43 28.70
CA THR B 78 14.31 -3.94 27.46
C THR B 78 14.47 -5.45 27.53
N ALA B 79 15.27 -5.99 26.60
CA ALA B 79 15.66 -7.40 26.60
C ALA B 79 16.31 -7.80 27.91
N TYR B 80 17.10 -6.89 28.49
CA TYR B 80 18.10 -7.17 29.51
C TYR B 80 18.85 -8.45 29.24
N MET B 81 19.49 -8.51 28.07
CA MET B 81 20.18 -9.74 27.70
C MET B 81 21.58 -9.51 27.17
N GLU B 82 22.37 -10.58 27.30
CA GLU B 82 23.81 -10.57 27.11
C GLU B 82 24.23 -11.97 26.71
N PHE B 83 25.46 -12.05 26.18
CA PHE B 83 26.17 -13.26 25.82
C PHE B 83 26.05 -14.36 26.85
N ASN B 84 25.94 -15.60 26.38
CA ASN B 84 25.91 -16.74 27.27
C ASN B 84 27.31 -17.22 27.61
N ARG B 85 28.23 -17.14 26.66
CA ARG B 85 29.59 -17.64 26.81
C ARG B 85 30.56 -16.49 26.62
N LEU B 86 31.04 -15.91 27.71
CA LEU B 86 31.97 -14.80 27.63
C LEU B 86 33.38 -15.27 27.31
N THR B 87 34.18 -14.33 26.82
CA THR B 87 35.59 -14.51 26.57
C THR B 87 36.35 -13.49 27.43
N SER B 88 37.65 -13.36 27.16
CA SER B 88 38.45 -12.42 27.92
C SER B 88 38.45 -11.02 27.34
N GLU B 89 38.08 -10.86 26.07
CA GLU B 89 38.14 -9.56 25.43
C GLU B 89 36.86 -8.74 25.60
N ASP B 90 35.76 -9.37 25.98
CA ASP B 90 34.46 -8.69 26.02
C ASP B 90 34.24 -8.05 27.39
N SER B 91 35.14 -7.14 27.74
CA SER B 91 34.98 -6.26 28.89
C SER B 91 34.65 -4.85 28.41
N ALA B 92 33.84 -4.76 27.36
CA ALA B 92 33.56 -3.51 26.68
C ALA B 92 32.53 -2.68 27.45
N VAL B 93 31.97 -1.67 26.79
CA VAL B 93 30.91 -0.85 27.34
C VAL B 93 29.69 -0.99 26.43
N TYR B 94 28.56 -1.39 27.00
CA TYR B 94 27.38 -1.76 26.23
C TYR B 94 26.31 -0.68 26.30
N TYR B 95 26.19 0.12 25.24
CA TYR B 95 25.18 1.16 25.20
C TYR B 95 23.85 0.60 24.75
N CYS B 96 22.83 1.44 24.83
CA CYS B 96 21.52 1.13 24.28
C CYS B 96 20.93 2.43 23.75
N THR B 97 20.23 2.34 22.63
CA THR B 97 19.76 3.55 21.97
C THR B 97 18.29 3.50 21.61
N ARG B 98 17.86 4.42 20.77
CA ARG B 98 16.46 4.54 20.41
C ARG B 98 16.36 4.86 18.93
N GLU B 99 15.34 4.33 18.28
CA GLU B 99 15.09 4.63 16.88
C GLU B 99 13.59 4.67 16.64
N ARG B 100 13.14 5.69 15.92
CA ARG B 100 11.73 5.85 15.63
C ARG B 100 11.27 4.77 14.66
N TYR B 101 10.00 4.37 14.79
CA TYR B 101 9.48 3.26 14.00
C TYR B 101 9.32 3.63 12.54
N GLY B 102 8.42 4.57 12.24
CA GLY B 102 8.37 5.15 10.91
C GLY B 102 9.57 6.06 10.77
N THR B 103 10.27 5.97 9.65
CA THR B 103 11.62 6.50 9.59
C THR B 103 11.63 8.03 9.55
N PRO B 104 12.49 8.67 10.34
CA PRO B 104 12.68 10.12 10.25
C PRO B 104 13.92 10.57 9.48
N HIS B 105 14.60 9.64 8.79
CA HIS B 105 15.85 9.78 8.02
C HIS B 105 17.08 9.94 8.88
N TYR B 106 17.03 9.68 10.17
CA TYR B 106 18.23 9.68 10.99
C TYR B 106 18.08 8.69 12.13
N HIS B 107 19.18 8.01 12.46
CA HIS B 107 19.18 6.98 13.47
C HIS B 107 19.82 7.52 14.75
N PHE B 108 19.60 6.79 15.85
CA PHE B 108 20.34 6.91 17.11
C PHE B 108 20.29 8.32 17.70
N ASP B 109 19.08 8.72 18.09
CA ASP B 109 18.92 10.09 18.55
C ASP B 109 19.40 10.26 19.99
N VAL B 110 18.96 9.41 20.91
CA VAL B 110 19.35 9.54 22.30
C VAL B 110 20.19 8.31 22.66
N TRP B 111 20.90 8.39 23.77
CA TRP B 111 21.83 7.36 24.18
C TRP B 111 21.67 7.05 25.65
N GLY B 112 22.20 5.90 26.06
CA GLY B 112 22.11 5.45 27.42
C GLY B 112 23.37 5.72 28.21
N ALA B 113 23.45 5.09 29.37
CA ALA B 113 24.65 5.13 30.20
C ALA B 113 25.58 4.01 29.76
N GLY B 114 26.58 3.71 30.58
CA GLY B 114 27.52 2.66 30.26
C GLY B 114 27.78 1.74 31.43
N PRO B 115 27.94 0.43 31.16
CA PRO B 115 28.35 -0.55 32.15
C PRO B 115 29.85 -0.83 32.10
N ASP C 2 -49.05 -33.04 -5.92
CA ASP C 2 -49.18 -34.50 -5.84
C ASP C 2 -47.84 -35.29 -5.75
N PRO C 3 -46.74 -34.88 -6.45
CA PRO C 3 -45.43 -35.45 -6.09
C PRO C 3 -44.81 -34.79 -4.88
N VAL C 4 -43.52 -35.06 -4.66
CA VAL C 4 -42.72 -34.36 -3.66
C VAL C 4 -42.73 -32.86 -3.95
N GLU C 5 -43.18 -32.07 -2.99
CA GLU C 5 -43.51 -30.68 -3.28
C GLU C 5 -42.27 -29.80 -3.36
N ASP C 6 -41.35 -29.90 -2.41
CA ASP C 6 -40.29 -28.92 -2.28
C ASP C 6 -39.18 -29.02 -3.33
N ILE C 7 -39.25 -29.99 -4.25
CA ILE C 7 -38.33 -29.99 -5.38
C ILE C 7 -38.66 -28.85 -6.32
N ILE C 8 -39.95 -28.49 -6.41
CA ILE C 8 -40.41 -27.50 -7.38
C ILE C 8 -39.95 -26.09 -6.98
N HIS C 9 -40.05 -25.75 -5.71
CA HIS C 9 -39.59 -24.44 -5.24
C HIS C 9 -38.08 -24.32 -5.30
N ARG C 18 -31.06 -10.37 -10.39
CA ARG C 18 -31.20 -8.93 -10.26
C ARG C 18 -30.00 -8.30 -9.56
N ALA C 19 -29.83 -6.99 -9.77
CA ALA C 19 -28.69 -6.28 -9.22
C ALA C 19 -29.17 -4.91 -8.72
N ILE C 20 -28.23 -4.10 -8.27
CA ILE C 20 -28.52 -2.79 -7.71
C ILE C 20 -28.06 -1.67 -8.62
N SER C 21 -26.89 -1.83 -9.25
CA SER C 21 -26.33 -0.81 -10.11
C SER C 21 -27.14 -0.69 -11.41
N SER C 22 -27.17 0.53 -11.95
CA SER C 22 -27.80 0.79 -13.24
C SER C 22 -26.91 1.73 -14.03
N ALA C 23 -26.56 1.33 -15.25
CA ALA C 23 -25.58 2.04 -16.05
C ALA C 23 -26.19 3.29 -16.67
N THR C 24 -25.51 4.42 -16.54
CA THR C 24 -25.95 5.68 -17.11
C THR C 24 -24.83 6.29 -17.96
N ASN C 25 -25.17 6.70 -19.18
CA ASN C 25 -24.21 7.40 -20.02
C ASN C 25 -23.88 8.76 -19.44
N VAL C 26 -22.61 9.15 -19.53
CA VAL C 26 -22.10 10.40 -18.98
C VAL C 26 -21.26 11.09 -20.05
N GLU C 27 -21.68 12.29 -20.45
CA GLU C 27 -21.00 13.06 -21.49
C GLU C 27 -20.16 14.20 -20.92
N SER C 28 -20.75 15.02 -20.07
CA SER C 28 -20.07 16.10 -19.38
C SER C 28 -20.00 15.79 -17.90
N ALA C 29 -19.50 16.74 -17.13
CA ALA C 29 -19.65 16.62 -15.69
C ALA C 29 -21.09 16.96 -15.31
N ALA C 30 -21.42 16.74 -14.04
CA ALA C 30 -22.77 16.99 -13.57
C ALA C 30 -23.02 18.48 -13.44
N ASN C 31 -24.29 18.86 -13.54
CA ASN C 31 -24.69 20.26 -13.45
C ASN C 31 -24.87 20.65 -11.99
N THR C 32 -25.50 21.80 -11.76
CA THR C 32 -25.85 22.23 -10.41
C THR C 32 -27.14 23.03 -10.47
N THR C 33 -28.12 22.61 -9.73
CA THR C 33 -29.41 23.27 -9.68
C THR C 33 -29.47 24.21 -8.49
N PRO C 34 -30.15 25.35 -8.59
CA PRO C 34 -30.13 26.33 -7.50
C PRO C 34 -30.93 25.87 -6.30
N SER C 35 -30.89 26.68 -5.25
CA SER C 35 -31.50 26.33 -3.98
C SER C 35 -31.85 27.61 -3.22
N SER C 36 -32.24 27.45 -1.98
CA SER C 36 -32.56 28.57 -1.10
C SER C 36 -32.25 28.15 0.32
N HIS C 37 -32.74 28.91 1.29
CA HIS C 37 -32.51 28.59 2.69
C HIS C 37 -33.63 27.71 3.22
N ARG C 38 -33.27 26.85 4.17
CA ARG C 38 -34.18 25.87 4.73
C ARG C 38 -34.34 26.11 6.21
N LEU C 39 -35.58 26.28 6.67
CA LEU C 39 -35.91 26.42 8.09
C LEU C 39 -37.02 25.42 8.36
N GLU C 40 -36.65 24.18 8.67
CA GLU C 40 -37.60 23.09 8.76
C GLU C 40 -36.95 21.93 9.48
N THR C 41 -37.68 21.34 10.42
CA THR C 41 -37.16 20.20 11.17
C THR C 41 -37.59 18.89 10.52
N GLY C 42 -36.77 17.87 10.70
CA GLY C 42 -37.10 16.53 10.30
C GLY C 42 -36.44 16.05 9.03
N ARG C 43 -35.85 16.94 8.24
CA ARG C 43 -35.24 16.57 6.97
C ARG C 43 -33.80 17.05 7.02
N VAL C 44 -32.90 16.18 7.42
CA VAL C 44 -31.50 16.53 7.66
C VAL C 44 -30.62 15.81 6.63
N PRO C 45 -29.96 16.53 5.74
CA PRO C 45 -29.10 15.87 4.74
C PRO C 45 -27.65 15.76 5.16
N ALA C 46 -27.21 16.56 6.12
CA ALA C 46 -25.78 16.59 6.44
C ALA C 46 -25.36 15.42 7.32
N LEU C 47 -26.22 15.01 8.25
CA LEU C 47 -25.89 13.91 9.15
C LEU C 47 -25.85 12.59 8.41
N GLN C 48 -24.84 11.79 8.70
CA GLN C 48 -24.64 10.53 7.99
C GLN C 48 -24.46 9.39 8.95
N ALA C 49 -24.02 8.25 8.42
CA ALA C 49 -23.59 7.14 9.27
C ALA C 49 -22.53 6.39 8.47
N ALA C 50 -21.27 6.55 8.86
CA ALA C 50 -20.19 5.88 8.14
C ALA C 50 -20.00 4.43 8.56
N GLU C 51 -20.70 4.00 9.62
CA GLU C 51 -20.63 2.61 10.04
C GLU C 51 -21.27 1.68 9.03
N THR C 52 -22.24 2.16 8.27
CA THR C 52 -22.90 1.31 7.31
C THR C 52 -22.09 1.07 6.05
N GLY C 53 -20.87 1.56 5.97
CA GLY C 53 -19.99 1.24 4.88
C GLY C 53 -20.19 2.03 3.61
N ALA C 54 -21.43 2.41 3.31
CA ALA C 54 -21.69 3.26 2.17
C ALA C 54 -21.16 4.66 2.43
N THR C 55 -20.58 5.27 1.41
CA THR C 55 -20.12 6.63 1.52
C THR C 55 -21.32 7.58 1.62
N SER C 56 -21.04 8.81 2.04
CA SER C 56 -22.09 9.80 2.11
C SER C 56 -22.54 10.21 0.72
N ASN C 57 -23.66 10.92 0.66
CA ASN C 57 -24.17 11.40 -0.61
C ASN C 57 -24.71 12.82 -0.50
N ALA C 58 -24.18 13.61 0.42
CA ALA C 58 -24.65 14.97 0.65
C ALA C 58 -24.13 15.85 -0.47
N THR C 59 -24.93 15.99 -1.52
CA THR C 59 -24.57 16.89 -2.61
C THR C 59 -24.74 18.34 -2.16
N ASP C 60 -24.06 19.23 -2.86
CA ASP C 60 -23.96 20.61 -2.42
C ASP C 60 -25.19 21.45 -2.73
N GLU C 61 -26.24 20.88 -3.33
CA GLU C 61 -27.50 21.62 -3.35
C GLU C 61 -28.17 21.65 -1.99
N ASN C 62 -27.73 20.81 -1.06
CA ASN C 62 -28.40 20.63 0.21
C ASN C 62 -27.61 21.16 1.38
N MET C 63 -26.41 21.71 1.16
CA MET C 63 -25.67 22.37 2.21
C MET C 63 -25.79 23.88 2.11
N ILE C 64 -25.38 24.46 0.99
CA ILE C 64 -25.22 25.89 0.86
C ILE C 64 -26.09 26.37 -0.29
N GLU C 65 -26.40 27.66 -0.30
CA GLU C 65 -27.17 28.23 -1.39
C GLU C 65 -26.30 28.34 -2.63
N THR C 66 -26.67 27.64 -3.69
CA THR C 66 -25.87 27.56 -4.90
C THR C 66 -26.62 28.16 -6.08
N ARG C 67 -25.88 28.41 -7.15
CA ARG C 67 -26.41 29.02 -8.36
C ARG C 67 -26.46 27.98 -9.48
N CYS C 68 -27.27 28.27 -10.49
CA CYS C 68 -27.45 27.36 -11.62
C CYS C 68 -26.26 27.45 -12.55
N VAL C 69 -25.47 26.38 -12.61
CA VAL C 69 -24.24 26.35 -13.39
C VAL C 69 -24.36 25.26 -14.43
N VAL C 70 -24.34 25.65 -15.70
CA VAL C 70 -24.26 24.70 -16.79
C VAL C 70 -22.79 24.39 -17.02
N ASN C 71 -22.44 23.11 -16.95
CA ASN C 71 -21.06 22.68 -16.91
C ASN C 71 -20.70 22.01 -18.24
N ARG C 72 -19.52 22.34 -18.77
CA ARG C 72 -19.13 21.86 -20.08
C ARG C 72 -17.74 21.23 -20.10
N ASN C 73 -17.25 20.78 -18.96
CA ASN C 73 -15.92 20.18 -18.96
C ASN C 73 -15.99 18.75 -19.50
N GLY C 74 -14.82 18.20 -19.80
CA GLY C 74 -14.73 16.91 -20.47
C GLY C 74 -14.34 15.79 -19.52
N VAL C 75 -15.07 14.69 -19.63
CA VAL C 75 -14.77 13.48 -18.86
C VAL C 75 -14.42 12.42 -19.88
N LEU C 76 -13.56 12.77 -20.84
CA LEU C 76 -13.13 11.81 -21.83
C LEU C 76 -11.78 11.20 -21.49
N GLU C 77 -10.90 11.94 -20.84
CA GLU C 77 -9.52 11.51 -20.66
C GLU C 77 -9.32 10.84 -19.30
N THR C 78 -10.35 10.18 -18.78
CA THR C 78 -10.20 9.40 -17.56
C THR C 78 -10.61 7.94 -17.69
N THR C 79 -11.22 7.53 -18.80
CA THR C 79 -11.53 6.13 -18.97
C THR C 79 -10.25 5.33 -19.14
N ILE C 80 -10.31 4.04 -18.81
CA ILE C 80 -9.09 3.24 -18.77
C ILE C 80 -8.55 2.87 -20.12
N ASN C 81 -9.26 3.16 -21.21
CA ASN C 81 -8.67 2.91 -22.51
C ASN C 81 -7.60 3.95 -22.83
N HIS C 82 -7.84 5.21 -22.47
CA HIS C 82 -6.89 6.29 -22.70
C HIS C 82 -5.93 6.44 -21.54
N PHE C 83 -6.12 5.69 -20.48
CA PHE C 83 -5.24 5.81 -19.34
C PHE C 83 -4.04 4.90 -19.46
N PHE C 84 -4.21 3.72 -20.03
CA PHE C 84 -3.11 2.79 -20.21
C PHE C 84 -2.43 2.90 -21.55
N SER C 85 -3.02 3.62 -22.52
CA SER C 85 -2.50 3.58 -23.87
C SER C 85 -1.31 4.48 -24.10
N ARG C 86 -0.31 4.40 -23.24
CA ARG C 86 0.97 5.10 -23.39
C ARG C 86 2.04 4.06 -23.15
N SER C 87 3.07 4.06 -23.96
CA SER C 87 4.02 2.97 -23.97
C SER C 87 5.20 3.27 -23.04
N GLY C 88 5.55 2.30 -22.20
CA GLY C 88 6.66 2.44 -21.29
C GLY C 88 7.61 1.26 -21.40
N LEU C 89 8.77 1.41 -20.80
CA LEU C 89 9.81 0.40 -20.88
C LEU C 89 9.43 -0.80 -20.03
N VAL C 90 9.70 -2.01 -20.54
CA VAL C 90 9.43 -3.23 -19.77
C VAL C 90 10.65 -4.13 -19.74
N GLY C 91 11.66 -3.86 -20.54
CA GLY C 91 12.79 -4.77 -20.53
C GLY C 91 13.98 -4.32 -21.33
N VAL C 92 15.17 -4.80 -20.95
CA VAL C 92 16.42 -4.47 -21.61
C VAL C 92 17.20 -5.76 -21.79
N VAL C 93 17.64 -6.03 -23.02
CA VAL C 93 18.41 -7.22 -23.35
C VAL C 93 19.80 -6.79 -23.75
N ASN C 94 20.82 -7.31 -23.06
CA ASN C 94 22.21 -7.01 -23.37
C ASN C 94 22.79 -8.08 -24.26
N LEU C 95 23.55 -7.67 -25.27
CA LEU C 95 24.10 -8.59 -26.24
C LEU C 95 25.58 -8.29 -26.38
N THR C 96 26.42 -9.25 -26.05
CA THR C 96 27.85 -9.14 -26.28
C THR C 96 28.25 -10.20 -27.31
N ASP C 97 29.02 -9.79 -28.30
CA ASP C 97 29.42 -10.69 -29.36
C ASP C 97 30.94 -10.70 -29.47
N GLY C 98 31.47 -11.81 -29.97
CA GLY C 98 32.90 -11.97 -30.12
C GLY C 98 33.61 -12.31 -28.82
N THR C 102 31.02 -14.30 -24.02
CA THR C 102 31.31 -14.40 -25.44
C THR C 102 30.61 -15.59 -26.05
N THR C 103 29.28 -15.54 -26.09
CA THR C 103 28.49 -16.62 -26.66
C THR C 103 27.87 -16.24 -27.99
N GLY C 104 27.19 -15.12 -28.06
CA GLY C 104 26.71 -14.65 -29.35
C GLY C 104 25.26 -14.22 -29.39
N TYR C 105 24.44 -14.76 -28.49
CA TYR C 105 23.02 -14.47 -28.49
C TYR C 105 22.62 -14.03 -27.10
N ALA C 106 21.34 -13.74 -26.91
CA ALA C 106 20.86 -13.30 -25.62
C ALA C 106 19.38 -13.61 -25.48
N THR C 107 18.98 -13.98 -24.27
CA THR C 107 17.60 -14.36 -24.00
C THR C 107 17.01 -13.46 -22.93
N TRP C 108 15.68 -13.47 -22.85
CA TRP C 108 14.97 -12.64 -21.88
C TRP C 108 13.61 -13.26 -21.64
N ASP C 109 13.37 -13.77 -20.43
CA ASP C 109 12.09 -14.36 -20.09
C ASP C 109 11.05 -13.26 -19.96
N ILE C 110 9.89 -13.46 -20.58
CA ILE C 110 8.93 -12.37 -20.69
C ILE C 110 8.23 -12.15 -19.36
N ASP C 111 8.42 -10.97 -18.80
CA ASP C 111 8.01 -10.68 -17.43
C ASP C 111 8.04 -9.16 -17.32
N ILE C 112 6.87 -8.54 -17.13
CA ILE C 112 6.81 -7.09 -17.19
C ILE C 112 6.97 -6.50 -15.81
N MET C 113 7.25 -7.36 -14.83
CA MET C 113 7.40 -6.96 -13.45
C MET C 113 8.70 -6.23 -13.17
N GLY C 114 9.58 -6.10 -14.16
CA GLY C 114 10.94 -5.64 -13.90
C GLY C 114 11.12 -4.17 -13.62
N PHE C 115 10.67 -3.32 -14.53
CA PHE C 115 10.86 -1.88 -14.42
C PHE C 115 9.65 -1.23 -13.78
N VAL C 116 9.89 -0.24 -12.93
CA VAL C 116 8.91 0.14 -11.92
C VAL C 116 7.85 1.12 -12.42
N GLN C 117 8.06 1.76 -13.57
CA GLN C 117 7.13 2.81 -14.00
C GLN C 117 5.80 2.27 -14.46
N LEU C 118 5.80 1.10 -15.12
CA LEU C 118 4.57 0.47 -15.56
C LEU C 118 4.13 -0.65 -14.64
N ARG C 119 4.98 -1.09 -13.73
CA ARG C 119 4.52 -2.03 -12.72
C ARG C 119 3.56 -1.38 -11.75
N ARG C 120 3.84 -0.12 -11.37
CA ARG C 120 3.05 0.51 -10.32
C ARG C 120 1.65 0.88 -10.81
N LYS C 121 1.49 1.12 -12.10
CA LYS C 121 0.17 1.41 -12.64
C LYS C 121 -0.67 0.15 -12.74
N CYS C 122 -0.09 -0.93 -13.27
CA CYS C 122 -0.86 -2.14 -13.52
C CYS C 122 -1.19 -2.93 -12.28
N GLU C 123 -0.76 -2.50 -11.09
CA GLU C 123 -1.20 -3.15 -9.88
C GLU C 123 -2.38 -2.44 -9.25
N MET C 124 -2.94 -1.44 -9.92
CA MET C 124 -4.17 -0.86 -9.40
C MET C 124 -5.32 -1.84 -9.54
N PHE C 125 -5.30 -2.67 -10.57
CA PHE C 125 -6.39 -3.59 -10.85
C PHE C 125 -5.90 -5.01 -10.67
N THR C 126 -6.83 -5.92 -10.41
CA THR C 126 -6.44 -7.29 -10.10
C THR C 126 -6.45 -8.19 -11.32
N TYR C 127 -7.58 -8.30 -12.00
CA TYR C 127 -7.70 -9.15 -13.18
C TYR C 127 -7.78 -8.24 -14.38
N MET C 128 -6.84 -8.37 -15.31
CA MET C 128 -6.87 -7.54 -16.50
C MET C 128 -6.94 -8.39 -17.75
N ARG C 129 -7.09 -7.73 -18.89
CA ARG C 129 -7.27 -8.40 -20.17
C ARG C 129 -7.03 -7.40 -21.27
N PHE C 130 -5.98 -7.56 -22.07
CA PHE C 130 -5.65 -6.55 -23.06
C PHE C 130 -5.06 -7.20 -24.30
N ASN C 131 -4.52 -6.37 -25.19
CA ASN C 131 -3.71 -6.79 -26.32
C ASN C 131 -2.49 -5.90 -26.38
N ALA C 132 -1.31 -6.47 -26.26
CA ALA C 132 -0.12 -5.64 -26.20
C ALA C 132 0.27 -5.17 -27.58
N GLU C 133 1.34 -4.38 -27.65
CA GLU C 133 1.90 -3.91 -28.91
C GLU C 133 3.34 -3.48 -28.67
N PHE C 134 4.30 -4.27 -29.14
CA PHE C 134 5.70 -4.08 -28.76
C PHE C 134 6.42 -3.17 -29.73
N THR C 135 7.61 -2.72 -29.33
CA THR C 135 8.47 -1.93 -30.20
C THR C 135 9.91 -2.02 -29.72
N PHE C 136 10.83 -2.42 -30.58
CA PHE C 136 12.20 -2.75 -30.19
C PHE C 136 13.14 -1.66 -30.71
N VAL C 137 13.61 -0.80 -29.83
CA VAL C 137 14.61 0.21 -30.19
C VAL C 137 15.98 -0.35 -29.86
N THR C 138 16.89 -0.39 -30.82
CA THR C 138 18.17 -1.07 -30.67
C THR C 138 19.31 -0.13 -30.99
N THR C 139 20.25 0.02 -30.06
CA THR C 139 21.41 0.88 -30.25
C THR C 139 22.69 0.17 -29.83
N THR C 140 23.76 0.41 -30.57
CA THR C 140 25.11 0.08 -30.12
C THR C 140 25.41 0.92 -28.89
N GLU C 141 26.20 0.37 -27.96
CA GLU C 141 26.39 1.06 -26.70
C GLU C 141 27.39 2.22 -26.76
N ASN C 142 27.78 2.68 -27.96
CA ASN C 142 28.56 3.91 -28.04
C ASN C 142 28.03 4.85 -29.12
N GLY C 143 26.74 4.74 -29.46
CA GLY C 143 26.11 5.63 -30.41
C GLY C 143 26.62 5.54 -31.84
N GLY C 144 27.12 4.38 -32.25
CA GLY C 144 27.70 4.23 -33.57
C GLY C 144 26.66 4.04 -34.65
N ALA C 145 25.77 3.07 -34.44
CA ALA C 145 24.63 2.74 -35.31
C ALA C 145 25.08 2.41 -36.73
N ARG C 146 25.77 1.32 -36.84
CA ARG C 146 26.21 0.86 -38.14
C ARG C 146 25.29 -0.24 -38.66
N PRO C 147 25.09 -0.37 -39.98
CA PRO C 147 24.09 -1.32 -40.47
C PRO C 147 24.50 -2.79 -40.39
N TYR C 148 23.81 -3.56 -39.56
CA TYR C 148 23.94 -5.01 -39.50
C TYR C 148 22.57 -5.62 -39.73
N MET C 149 22.45 -6.92 -39.53
CA MET C 149 21.17 -7.61 -39.55
C MET C 149 20.90 -8.17 -38.17
N LEU C 150 19.64 -8.15 -37.75
CA LEU C 150 19.28 -8.74 -36.47
C LEU C 150 18.08 -9.65 -36.66
N GLN C 151 17.95 -10.61 -35.77
CA GLN C 151 16.85 -11.56 -35.78
C GLN C 151 16.28 -11.68 -34.39
N TYR C 152 14.98 -11.45 -34.25
CA TYR C 152 14.29 -11.58 -32.98
C TYR C 152 13.33 -12.75 -33.06
N MET C 153 13.64 -13.86 -32.42
CA MET C 153 12.66 -14.93 -32.42
C MET C 153 11.64 -14.74 -31.32
N TYR C 154 10.88 -15.78 -31.05
CA TYR C 154 9.91 -15.80 -29.96
C TYR C 154 9.61 -17.26 -29.67
N VAL C 155 10.07 -17.75 -28.51
CA VAL C 155 9.97 -19.15 -28.15
C VAL C 155 8.76 -19.32 -27.23
N PRO C 156 7.70 -19.99 -27.64
CA PRO C 156 6.58 -20.24 -26.75
C PRO C 156 6.95 -21.30 -25.74
N PRO C 157 6.16 -21.48 -24.65
CA PRO C 157 6.55 -22.45 -23.62
C PRO C 157 6.54 -23.90 -24.09
N GLY C 158 7.71 -24.49 -24.21
CA GLY C 158 7.82 -25.85 -24.67
C GLY C 158 8.83 -26.05 -25.78
N ALA C 159 8.91 -25.08 -26.69
CA ALA C 159 9.90 -25.12 -27.75
C ALA C 159 11.29 -25.01 -27.16
N PRO C 160 12.31 -25.60 -27.80
CA PRO C 160 13.65 -25.61 -27.20
C PRO C 160 14.30 -24.25 -27.30
N LYS C 161 14.85 -23.78 -26.19
CA LYS C 161 15.59 -22.53 -26.21
C LYS C 161 16.89 -22.76 -26.96
N PRO C 162 17.24 -21.90 -27.90
CA PRO C 162 18.41 -22.15 -28.74
C PRO C 162 19.69 -22.04 -27.93
N THR C 163 20.63 -22.93 -28.24
CA THR C 163 21.80 -23.14 -27.41
C THR C 163 23.04 -22.43 -27.94
N GLY C 164 23.27 -22.47 -29.25
CA GLY C 164 24.44 -21.87 -29.83
C GLY C 164 24.08 -20.67 -30.68
N ARG C 165 25.12 -20.07 -31.24
CA ARG C 165 24.91 -18.97 -32.18
C ARG C 165 24.29 -19.48 -33.47
N ASP C 166 24.57 -20.72 -33.85
CA ASP C 166 24.10 -21.24 -35.13
C ASP C 166 23.59 -22.67 -34.97
N ALA C 167 22.70 -22.89 -34.00
CA ALA C 167 22.08 -24.19 -33.89
C ALA C 167 20.87 -24.27 -34.80
N PHE C 168 20.16 -25.40 -34.78
CA PHE C 168 19.07 -25.59 -35.73
C PHE C 168 17.72 -25.14 -35.20
N GLN C 169 17.67 -24.40 -34.10
CA GLN C 169 16.41 -23.80 -33.70
C GLN C 169 16.16 -22.48 -34.38
N TRP C 170 17.19 -21.89 -34.99
CA TRP C 170 17.10 -20.60 -35.64
C TRP C 170 16.57 -20.68 -37.05
N GLN C 171 15.91 -21.76 -37.42
CA GLN C 171 15.47 -21.89 -38.80
C GLN C 171 14.13 -21.25 -39.08
N THR C 172 13.35 -20.96 -38.04
CA THR C 172 12.01 -20.38 -38.14
C THR C 172 11.11 -21.26 -39.01
N ALA C 173 10.85 -22.44 -38.48
CA ALA C 173 9.94 -23.30 -39.20
C ALA C 173 8.49 -23.04 -38.81
N THR C 174 8.26 -22.77 -37.53
CA THR C 174 6.91 -22.53 -37.03
C THR C 174 6.77 -21.17 -36.36
N ASN C 175 7.58 -20.88 -35.35
CA ASN C 175 7.40 -19.75 -34.44
C ASN C 175 7.87 -18.45 -35.08
N PRO C 176 7.31 -17.31 -34.68
CA PRO C 176 7.56 -16.04 -35.39
C PRO C 176 8.99 -15.54 -35.26
N SER C 177 9.30 -14.56 -36.09
CA SER C 177 10.65 -14.04 -36.21
C SER C 177 10.60 -12.73 -36.98
N VAL C 178 11.45 -11.78 -36.59
CA VAL C 178 11.48 -10.46 -37.19
C VAL C 178 12.90 -10.17 -37.61
N PHE C 179 13.12 -10.00 -38.91
CA PHE C 179 14.42 -9.56 -39.41
C PHE C 179 14.39 -8.06 -39.59
N VAL C 180 15.34 -7.35 -39.01
CA VAL C 180 15.41 -5.91 -39.20
C VAL C 180 16.85 -5.49 -39.06
N LYS C 181 17.20 -4.35 -39.66
CA LYS C 181 18.56 -3.84 -39.59
C LYS C 181 18.73 -2.94 -38.37
N LEU C 182 19.85 -2.22 -38.31
CA LEU C 182 20.08 -1.23 -37.28
C LEU C 182 19.71 0.18 -37.69
N THR C 183 19.65 0.46 -38.98
CA THR C 183 19.39 1.82 -39.42
C THR C 183 17.93 2.07 -39.77
N ASP C 184 17.10 1.04 -39.83
CA ASP C 184 15.70 1.25 -40.10
C ASP C 184 14.99 1.80 -38.85
N PRO C 185 13.82 2.40 -39.01
CA PRO C 185 13.00 2.73 -37.86
C PRO C 185 12.59 1.47 -37.12
N PRO C 186 12.32 1.56 -35.82
CA PRO C 186 12.17 0.34 -35.00
C PRO C 186 10.92 -0.46 -35.32
N ALA C 187 11.01 -1.76 -35.07
CA ALA C 187 9.97 -2.70 -35.44
C ALA C 187 8.77 -2.54 -34.53
N GLN C 188 7.67 -3.21 -34.88
CA GLN C 188 6.44 -3.10 -34.11
C GLN C 188 5.53 -4.25 -34.47
N VAL C 189 5.03 -4.95 -33.45
CA VAL C 189 4.15 -6.09 -33.62
C VAL C 189 2.93 -5.92 -32.73
N SER C 190 2.00 -6.86 -32.81
CA SER C 190 0.72 -6.72 -32.11
C SER C 190 0.31 -8.07 -31.53
N VAL C 191 0.79 -8.35 -30.33
CA VAL C 191 0.57 -9.67 -29.73
C VAL C 191 -0.85 -9.73 -29.17
N PRO C 192 -1.64 -10.75 -29.51
CA PRO C 192 -3.00 -10.85 -28.98
C PRO C 192 -3.03 -11.41 -27.58
N PHE C 193 -4.22 -11.69 -27.08
CA PHE C 193 -4.39 -12.19 -25.72
C PHE C 193 -4.07 -13.68 -25.65
N MET C 194 -3.05 -14.04 -24.87
CA MET C 194 -2.50 -15.39 -24.88
C MET C 194 -2.57 -16.10 -23.54
N SER C 195 -3.73 -16.14 -22.90
CA SER C 195 -3.74 -16.83 -21.63
C SER C 195 -4.72 -18.00 -21.64
N PRO C 196 -4.39 -19.11 -20.98
CA PRO C 196 -5.34 -20.21 -20.90
C PRO C 196 -6.50 -19.97 -19.96
N ALA C 197 -6.44 -18.99 -19.10
CA ALA C 197 -7.56 -18.67 -18.23
C ALA C 197 -8.50 -17.73 -18.96
N SER C 198 -9.38 -17.06 -18.25
CA SER C 198 -10.17 -16.01 -18.88
C SER C 198 -9.49 -14.65 -18.84
N ALA C 199 -8.55 -14.44 -17.92
CA ALA C 199 -7.96 -13.13 -17.76
C ALA C 199 -6.61 -13.26 -17.07
N TYR C 200 -5.70 -12.35 -17.38
CA TYR C 200 -4.44 -12.30 -16.68
C TYR C 200 -4.69 -11.94 -15.24
N GLN C 201 -3.93 -12.53 -14.33
CA GLN C 201 -4.03 -12.14 -12.93
C GLN C 201 -2.65 -11.90 -12.35
N TRP C 202 -2.53 -10.81 -11.62
CA TRP C 202 -1.21 -10.41 -11.13
C TRP C 202 -0.93 -10.98 -9.76
N PHE C 203 -1.96 -11.18 -8.95
CA PHE C 203 -1.84 -11.63 -7.58
C PHE C 203 -2.49 -12.99 -7.43
N TYR C 204 -1.67 -14.01 -7.28
CA TYR C 204 -2.17 -15.37 -7.19
C TYR C 204 -1.76 -15.91 -5.83
N ASP C 205 -2.69 -15.94 -4.89
CA ASP C 205 -2.42 -16.64 -3.65
C ASP C 205 -2.50 -18.13 -3.90
N GLY C 206 -1.75 -18.89 -3.10
CA GLY C 206 -1.87 -20.32 -3.19
C GLY C 206 -0.75 -20.99 -3.95
N TYR C 207 -0.36 -22.15 -3.48
CA TYR C 207 0.73 -22.89 -4.07
C TYR C 207 0.31 -23.45 -5.43
N PRO C 208 1.24 -23.66 -6.35
CA PRO C 208 0.83 -24.04 -7.70
C PRO C 208 0.55 -25.52 -7.85
N THR C 209 1.15 -26.38 -7.02
CA THR C 209 1.02 -27.81 -7.15
C THR C 209 0.29 -28.40 -5.95
N PHE C 210 0.18 -29.71 -5.93
CA PHE C 210 -0.15 -30.41 -4.71
C PHE C 210 1.13 -30.90 -4.06
N GLY C 211 1.01 -31.73 -3.03
CA GLY C 211 2.15 -32.25 -2.31
C GLY C 211 2.16 -31.78 -0.86
N GLN C 212 3.37 -31.59 -0.34
CA GLN C 212 3.55 -31.12 1.02
C GLN C 212 4.51 -29.95 1.02
N HIS C 213 4.11 -28.86 1.68
CA HIS C 213 4.89 -27.65 1.55
C HIS C 213 5.68 -27.37 2.81
N PRO C 214 6.95 -27.00 2.70
CA PRO C 214 7.83 -26.95 3.86
C PRO C 214 7.57 -25.72 4.71
N GLU C 215 8.32 -25.62 5.80
CA GLU C 215 8.18 -24.54 6.76
C GLU C 215 9.22 -23.46 6.58
N THR C 216 10.42 -23.82 6.13
CA THR C 216 11.54 -22.88 6.14
C THR C 216 11.46 -21.91 4.97
N SER C 217 11.57 -22.43 3.75
CA SER C 217 11.67 -21.56 2.58
C SER C 217 11.00 -22.27 1.41
N ASN C 218 9.73 -21.96 1.20
CA ASN C 218 9.00 -22.44 0.05
C ASN C 218 9.06 -21.36 -1.02
N THR C 219 9.92 -21.56 -2.00
CA THR C 219 10.03 -20.61 -3.09
C THR C 219 8.96 -20.80 -4.15
N THR C 220 8.06 -21.74 -3.98
CA THR C 220 6.98 -21.96 -4.93
C THR C 220 5.79 -21.05 -4.68
N TYR C 221 5.82 -20.24 -3.63
CA TYR C 221 4.62 -19.57 -3.18
C TYR C 221 4.25 -18.43 -4.09
N GLY C 222 2.99 -18.39 -4.51
CA GLY C 222 2.51 -17.27 -5.29
C GLY C 222 2.97 -17.24 -6.72
N LEU C 223 3.49 -18.33 -7.25
CA LEU C 223 3.88 -18.37 -8.66
C LEU C 223 2.68 -18.75 -9.50
N CYS C 224 2.17 -17.81 -10.28
CA CYS C 224 1.01 -18.06 -11.10
C CYS C 224 1.42 -18.72 -12.41
N PRO C 225 0.87 -19.89 -12.75
CA PRO C 225 1.22 -20.51 -14.03
C PRO C 225 0.48 -19.93 -15.22
N ASN C 226 -0.52 -19.08 -15.01
CA ASN C 226 -1.26 -18.49 -16.11
C ASN C 226 -0.58 -17.28 -16.69
N ASN C 227 0.73 -17.11 -16.47
CA ASN C 227 1.47 -15.98 -17.00
C ASN C 227 2.83 -16.36 -17.55
N MET C 228 3.24 -17.63 -17.46
CA MET C 228 4.53 -18.06 -17.97
C MET C 228 4.52 -18.08 -19.49
N MET C 229 4.92 -16.97 -20.13
CA MET C 229 4.65 -16.79 -21.56
C MET C 229 5.89 -16.92 -22.43
N GLY C 230 6.92 -17.61 -21.96
CA GLY C 230 7.96 -17.96 -22.89
C GLY C 230 9.25 -17.20 -22.78
N THR C 231 9.89 -16.95 -23.91
CA THR C 231 11.25 -16.45 -23.96
C THR C 231 11.37 -15.66 -25.26
N PHE C 232 12.26 -14.67 -25.26
CA PHE C 232 12.48 -13.77 -26.38
C PHE C 232 13.96 -13.80 -26.71
N ALA C 233 14.33 -14.42 -27.83
CA ALA C 233 15.75 -14.65 -28.12
C ALA C 233 16.20 -13.89 -29.35
N VAL C 234 17.46 -13.46 -29.35
CA VAL C 234 17.98 -12.56 -30.37
C VAL C 234 19.44 -12.88 -30.64
N ARG C 235 19.83 -12.90 -31.92
CA ARG C 235 21.23 -13.07 -32.31
C ARG C 235 21.52 -12.15 -33.47
N VAL C 236 22.76 -12.16 -33.96
CA VAL C 236 23.19 -11.32 -35.07
C VAL C 236 23.48 -12.21 -36.26
N VAL C 237 22.77 -12.00 -37.36
CA VAL C 237 22.85 -12.89 -38.52
C VAL C 237 24.18 -12.73 -39.22
N SER C 238 25.06 -13.69 -39.04
CA SER C 238 26.33 -13.77 -39.76
C SER C 238 26.85 -15.18 -39.61
N ARG C 239 27.86 -15.51 -40.42
CA ARG C 239 28.58 -16.78 -40.30
C ARG C 239 29.84 -16.62 -39.47
N GLU C 240 30.72 -15.73 -39.90
CA GLU C 240 31.82 -15.27 -39.07
C GLU C 240 31.26 -14.51 -37.87
N ALA C 241 31.89 -14.69 -36.71
CA ALA C 241 31.46 -13.98 -35.52
C ALA C 241 31.96 -12.54 -35.57
N SER C 242 31.04 -11.59 -35.62
CA SER C 242 31.41 -10.18 -35.58
C SER C 242 31.70 -9.77 -34.15
N GLN C 243 32.16 -8.52 -33.97
CA GLN C 243 32.58 -8.04 -32.66
C GLN C 243 31.90 -6.72 -32.36
N LEU C 244 30.82 -6.76 -31.59
CA LEU C 244 30.04 -5.57 -31.29
C LEU C 244 29.19 -5.83 -30.05
N LYS C 245 28.89 -4.75 -29.34
CA LYS C 245 28.02 -4.80 -28.19
C LYS C 245 26.72 -4.08 -28.53
N LEU C 246 25.61 -4.52 -27.93
CA LEU C 246 24.32 -3.92 -28.24
C LEU C 246 23.49 -3.80 -26.98
N GLN C 247 22.38 -3.08 -27.11
CA GLN C 247 21.26 -3.15 -26.20
C GLN C 247 19.99 -3.04 -27.00
N THR C 248 18.93 -3.69 -26.55
CA THR C 248 17.60 -3.39 -27.04
C THR C 248 16.78 -2.84 -25.89
N ARG C 249 15.72 -2.12 -26.22
CA ARG C 249 14.86 -1.54 -25.19
C ARG C 249 13.42 -1.81 -25.58
N VAL C 250 12.86 -2.91 -25.09
CA VAL C 250 11.55 -3.34 -25.55
C VAL C 250 10.49 -2.51 -24.85
N TYR C 251 9.76 -1.70 -25.61
CA TYR C 251 8.64 -0.93 -25.09
C TYR C 251 7.32 -1.68 -25.30
N MET C 252 6.33 -1.33 -24.49
CA MET C 252 5.03 -2.01 -24.49
C MET C 252 3.90 -1.02 -24.40
N LYS C 253 2.98 -1.07 -25.36
CA LYS C 253 1.77 -0.25 -25.32
C LYS C 253 0.55 -1.14 -25.23
N LEU C 254 -0.27 -0.92 -24.21
CA LEU C 254 -1.47 -1.72 -24.02
C LEU C 254 -2.63 -1.11 -24.79
N LYS C 255 -3.58 -1.93 -25.19
CA LYS C 255 -4.76 -1.39 -25.86
C LYS C 255 -5.93 -2.36 -25.74
N HIS C 256 -7.13 -1.84 -26.01
CA HIS C 256 -8.42 -2.54 -25.88
C HIS C 256 -8.64 -3.08 -24.48
N VAL C 257 -8.16 -2.39 -23.47
CA VAL C 257 -8.01 -2.99 -22.14
C VAL C 257 -9.34 -3.01 -21.41
N ARG C 258 -9.52 -4.00 -20.53
CA ARG C 258 -10.64 -4.10 -19.61
C ARG C 258 -10.13 -4.56 -18.26
N ALA C 259 -10.64 -4.02 -17.18
CA ALA C 259 -10.08 -4.32 -15.88
C ALA C 259 -11.17 -4.81 -14.93
N TRP C 260 -10.76 -5.36 -13.79
CA TRP C 260 -11.73 -5.77 -12.78
C TRP C 260 -11.11 -5.65 -11.40
N VAL C 261 -11.96 -5.48 -10.39
CA VAL C 261 -11.66 -5.56 -8.96
C VAL C 261 -10.53 -4.62 -8.55
N PRO C 262 -10.78 -3.34 -8.37
CA PRO C 262 -9.71 -2.42 -7.97
C PRO C 262 -9.15 -2.73 -6.60
N ARG C 263 -7.93 -2.25 -6.36
CA ARG C 263 -7.22 -2.47 -5.10
C ARG C 263 -6.26 -1.30 -4.90
N PRO C 264 -5.78 -1.06 -3.67
CA PRO C 264 -4.93 0.11 -3.45
C PRO C 264 -3.54 -0.05 -4.04
N ILE C 265 -2.81 1.05 -4.03
CA ILE C 265 -1.57 1.22 -4.77
C ILE C 265 -0.39 0.99 -3.83
N ARG C 266 0.66 0.37 -4.36
CA ARG C 266 1.90 0.12 -3.64
C ARG C 266 2.50 1.42 -3.12
N SER C 267 3.01 1.39 -1.89
CA SER C 267 3.61 2.58 -1.29
C SER C 267 5.01 2.38 -0.79
N GLN C 268 5.41 1.25 -0.55
CA GLN C 268 6.76 0.89 -0.15
C GLN C 268 7.58 0.58 -1.39
N PRO C 269 8.90 0.75 -1.37
CA PRO C 269 9.70 0.42 -2.55
C PRO C 269 9.78 -1.08 -2.77
N TYR C 270 10.11 -1.45 -3.99
CA TYR C 270 10.15 -2.85 -4.41
C TYR C 270 11.52 -3.44 -4.13
N LEU C 271 11.56 -4.76 -4.05
CA LEU C 271 12.85 -5.38 -3.83
C LEU C 271 13.17 -6.50 -4.81
N LEU C 272 12.17 -7.28 -5.24
CA LEU C 272 12.40 -8.38 -6.15
C LEU C 272 11.44 -8.32 -7.34
N LYS C 273 11.76 -9.08 -8.38
CA LYS C 273 10.88 -9.14 -9.55
C LYS C 273 9.59 -9.87 -9.24
N ASN C 274 9.68 -11.13 -8.90
CA ASN C 274 8.49 -11.96 -8.81
C ASN C 274 7.76 -11.78 -7.49
N PHE C 275 8.47 -11.44 -6.44
CA PHE C 275 7.82 -11.51 -5.15
C PHE C 275 7.64 -10.12 -4.57
N PRO C 276 6.55 -9.86 -3.88
CA PRO C 276 6.23 -8.51 -3.41
C PRO C 276 6.77 -8.18 -2.02
N ASN C 277 8.05 -8.45 -1.78
CA ASN C 277 8.64 -8.19 -0.47
C ASN C 277 8.73 -6.71 -0.18
N TYR C 278 8.82 -6.38 1.10
CA TYR C 278 9.28 -5.07 1.55
C TYR C 278 10.42 -5.31 2.52
N ASP C 279 10.85 -4.25 3.20
CA ASP C 279 11.93 -4.36 4.18
C ASP C 279 11.47 -3.77 5.51
N SER C 280 11.25 -4.63 6.49
CA SER C 280 10.64 -4.18 7.74
C SER C 280 11.62 -3.54 8.69
N SER C 281 12.89 -3.41 8.32
CA SER C 281 13.80 -2.67 9.18
C SER C 281 13.48 -1.18 9.16
N LYS C 282 13.25 -0.61 7.98
CA LYS C 282 12.94 0.80 7.84
C LYS C 282 11.72 0.97 6.97
N ILE C 283 10.64 1.47 7.55
CA ILE C 283 9.37 1.67 6.85
C ILE C 283 9.17 3.15 6.63
N THR C 284 8.95 3.55 5.39
CA THR C 284 8.73 4.95 5.04
C THR C 284 7.27 5.28 5.24
N ASN C 285 7.01 6.47 5.78
CA ASN C 285 5.63 6.91 5.94
C ASN C 285 5.06 7.33 4.60
N SER C 286 3.74 7.58 4.61
CA SER C 286 3.11 8.18 3.45
C SER C 286 3.25 9.70 3.48
N ALA C 287 2.89 10.34 4.57
CA ALA C 287 2.94 11.78 4.69
C ALA C 287 4.24 12.19 5.36
N ARG C 288 4.93 13.15 4.77
CA ARG C 288 6.12 13.68 5.42
C ARG C 288 5.74 14.57 6.58
N ASP C 289 6.57 14.55 7.61
CA ASP C 289 6.21 15.07 8.91
C ASP C 289 6.20 16.60 8.93
N ARG C 290 5.46 17.15 9.89
CA ARG C 290 5.48 18.59 10.12
C ARG C 290 5.75 18.86 11.59
N SER C 291 5.63 20.11 12.02
CA SER C 291 6.09 20.47 13.35
C SER C 291 5.09 20.07 14.43
N SER C 292 3.89 20.63 14.37
CA SER C 292 2.86 20.29 15.34
C SER C 292 1.59 19.94 14.59
N ILE C 293 0.48 19.79 15.30
CA ILE C 293 -0.79 19.54 14.63
C ILE C 293 -1.58 20.82 14.42
N LYS C 294 -1.26 21.89 15.14
CA LYS C 294 -2.09 23.08 15.18
C LYS C 294 -1.59 24.19 14.27
N GLN C 295 -0.89 23.85 13.19
CA GLN C 295 -0.51 24.87 12.22
C GLN C 295 -0.44 24.25 10.84
N ALA C 296 -0.74 25.07 9.83
CA ALA C 296 -1.04 24.55 8.51
C ALA C 296 0.20 24.34 7.64
N ASN C 297 0.95 25.41 7.40
CA ASN C 297 2.05 25.38 6.44
C ASN C 297 3.23 24.54 6.90
N SER D 10 -37.18 -0.47 13.53
CA SER D 10 -37.71 -1.14 12.35
C SER D 10 -36.66 -1.18 11.25
N ASP D 11 -35.45 -0.75 11.58
CA ASP D 11 -34.31 -0.88 10.69
C ASP D 11 -33.06 -1.39 11.40
N ARG D 12 -33.03 -1.32 12.72
CA ARG D 12 -31.89 -1.83 13.48
C ARG D 12 -31.96 -3.34 13.64
N VAL D 13 -33.12 -3.85 14.05
CA VAL D 13 -33.29 -5.25 14.36
C VAL D 13 -33.37 -6.06 13.08
N ALA D 14 -32.55 -7.10 12.97
CA ALA D 14 -32.55 -7.93 11.77
C ALA D 14 -32.21 -9.37 12.14
N GLN D 15 -32.89 -10.31 11.47
CA GLN D 15 -32.65 -11.73 11.68
C GLN D 15 -32.32 -12.39 10.35
N LEU D 16 -31.11 -12.93 10.25
CA LEU D 16 -30.66 -13.67 9.09
C LEU D 16 -30.82 -15.15 9.37
N THR D 17 -31.38 -15.88 8.41
CA THR D 17 -31.65 -17.30 8.60
C THR D 17 -31.25 -18.06 7.36
N VAL D 18 -30.18 -18.84 7.46
CA VAL D 18 -29.73 -19.68 6.35
C VAL D 18 -29.72 -21.10 6.85
N GLY D 19 -30.27 -22.02 6.06
CA GLY D 19 -30.15 -23.42 6.38
C GLY D 19 -31.01 -23.83 7.54
N ASN D 20 -30.39 -24.08 8.69
CA ASN D 20 -31.15 -24.36 9.89
C ASN D 20 -30.54 -23.68 11.10
N SER D 21 -30.06 -22.46 10.94
CA SER D 21 -29.36 -21.80 12.04
C SER D 21 -29.49 -20.30 11.88
N SER D 22 -30.40 -19.69 12.62
CA SER D 22 -30.60 -18.27 12.47
C SER D 22 -29.63 -17.49 13.33
N ILE D 23 -29.50 -16.20 13.03
CA ILE D 23 -28.73 -15.27 13.84
C ILE D 23 -29.56 -14.02 14.04
N THR D 24 -29.92 -13.73 15.27
CA THR D 24 -30.65 -12.53 15.60
C THR D 24 -29.70 -11.51 16.18
N THR D 25 -30.02 -10.24 16.00
CA THR D 25 -29.25 -9.17 16.60
C THR D 25 -30.16 -7.98 16.82
N GLN D 26 -29.83 -7.16 17.81
CA GLN D 26 -30.69 -6.05 18.17
C GLN D 26 -30.03 -4.69 18.05
N GLU D 27 -28.78 -4.62 17.62
CA GLU D 27 -28.12 -3.33 17.53
C GLU D 27 -27.26 -3.30 16.28
N ALA D 28 -27.81 -3.79 15.17
CA ALA D 28 -27.05 -3.85 13.92
C ALA D 28 -27.09 -2.50 13.22
N ALA D 29 -26.37 -2.41 12.10
CA ALA D 29 -26.35 -1.19 11.31
C ALA D 29 -27.01 -1.35 9.96
N ASN D 30 -26.50 -2.24 9.12
CA ASN D 30 -27.03 -2.54 7.78
C ASN D 30 -26.28 -3.76 7.27
N ILE D 31 -26.57 -4.15 6.03
CA ILE D 31 -25.97 -5.32 5.40
C ILE D 31 -25.32 -4.87 4.10
N VAL D 32 -24.06 -5.25 3.90
CA VAL D 32 -23.26 -4.75 2.79
C VAL D 32 -23.08 -5.85 1.77
N LEU D 33 -23.65 -5.67 0.58
CA LEU D 33 -23.27 -6.48 -0.55
C LEU D 33 -21.91 -6.07 -1.07
N ALA D 34 -21.19 -7.03 -1.61
CA ALA D 34 -19.88 -6.76 -2.18
C ALA D 34 -20.05 -6.66 -3.68
N TYR D 35 -19.82 -5.45 -4.21
CA TYR D 35 -19.84 -5.13 -5.64
C TYR D 35 -21.21 -5.37 -6.27
N GLY D 36 -22.26 -5.31 -5.46
CA GLY D 36 -23.60 -5.15 -5.94
C GLY D 36 -24.24 -6.32 -6.65
N GLU D 37 -23.70 -7.52 -6.53
CA GLU D 37 -24.27 -8.67 -7.24
C GLU D 37 -24.47 -9.85 -6.31
N TRP D 38 -25.63 -10.48 -6.41
CA TRP D 38 -25.98 -11.61 -5.56
C TRP D 38 -25.18 -12.86 -5.96
N PRO D 39 -24.92 -13.75 -5.00
CA PRO D 39 -24.24 -15.01 -5.33
C PRO D 39 -25.21 -15.98 -6.01
N GLU D 40 -24.86 -16.38 -7.22
CA GLU D 40 -25.75 -17.16 -8.07
C GLU D 40 -25.02 -18.38 -8.59
N TYR D 41 -25.76 -19.25 -9.27
CA TYR D 41 -25.17 -20.46 -9.82
C TYR D 41 -24.44 -20.18 -11.12
N CYS D 42 -23.98 -21.25 -11.77
CA CYS D 42 -23.12 -21.15 -12.93
C CYS D 42 -23.95 -21.31 -14.19
N PRO D 43 -24.17 -20.26 -14.96
CA PRO D 43 -24.95 -20.41 -16.20
C PRO D 43 -24.13 -21.14 -17.24
N ASP D 44 -24.82 -21.64 -18.27
CA ASP D 44 -24.22 -22.57 -19.19
C ASP D 44 -23.50 -21.91 -20.35
N THR D 45 -23.14 -20.65 -20.22
CA THR D 45 -22.19 -20.05 -21.12
C THR D 45 -20.82 -19.89 -20.47
N ASP D 46 -20.66 -20.46 -19.28
CA ASP D 46 -19.44 -20.24 -18.50
C ASP D 46 -18.79 -21.56 -18.11
N ALA D 47 -19.62 -22.58 -17.94
CA ALA D 47 -19.13 -23.84 -17.39
C ALA D 47 -18.28 -24.56 -18.43
N THR D 48 -17.16 -25.08 -17.98
CA THR D 48 -16.24 -25.79 -18.86
C THR D 48 -16.06 -27.25 -18.50
N ALA D 49 -16.50 -27.69 -17.33
CA ALA D 49 -16.49 -29.10 -16.99
C ALA D 49 -17.70 -29.77 -17.63
N VAL D 50 -17.53 -31.00 -18.08
CA VAL D 50 -18.61 -31.69 -18.77
C VAL D 50 -19.10 -32.87 -17.97
N ASP D 51 -19.01 -32.78 -16.66
CA ASP D 51 -19.65 -33.73 -15.75
C ASP D 51 -20.58 -32.99 -14.82
N LYS D 52 -21.59 -33.68 -14.32
CA LYS D 52 -22.65 -32.99 -13.61
C LYS D 52 -22.19 -32.59 -12.22
N PRO D 53 -22.32 -31.34 -11.84
CA PRO D 53 -21.92 -30.92 -10.50
C PRO D 53 -22.94 -31.36 -9.47
N THR D 54 -22.46 -31.67 -8.29
CA THR D 54 -23.29 -32.28 -7.26
C THR D 54 -23.51 -31.26 -6.16
N ARG D 55 -24.58 -30.49 -6.27
CA ARG D 55 -24.82 -29.40 -5.32
C ARG D 55 -25.72 -29.86 -4.19
N PRO D 56 -25.27 -29.84 -2.94
CA PRO D 56 -26.19 -30.03 -1.83
C PRO D 56 -26.74 -28.67 -1.40
N ASP D 57 -27.77 -28.70 -0.59
CA ASP D 57 -28.43 -27.44 -0.29
C ASP D 57 -28.47 -27.10 1.19
N VAL D 58 -28.81 -28.07 2.04
CA VAL D 58 -28.98 -27.79 3.45
C VAL D 58 -27.81 -28.31 4.27
N SER D 59 -27.01 -29.22 3.72
CA SER D 59 -25.92 -29.80 4.48
C SER D 59 -24.75 -28.83 4.64
N VAL D 60 -24.44 -28.05 3.61
CA VAL D 60 -23.28 -27.17 3.70
C VAL D 60 -23.65 -25.70 3.52
N ASN D 61 -24.89 -25.32 3.82
CA ASN D 61 -25.25 -23.89 3.79
C ASN D 61 -25.80 -23.51 5.15
N ARG D 62 -24.91 -23.26 6.10
CA ARG D 62 -25.33 -22.89 7.44
C ARG D 62 -24.16 -22.24 8.14
N PHE D 63 -24.44 -21.50 9.20
CA PHE D 63 -23.42 -20.70 9.85
C PHE D 63 -22.48 -21.58 10.66
N TYR D 64 -21.19 -21.54 10.37
CA TYR D 64 -20.19 -22.19 11.18
C TYR D 64 -19.51 -21.13 12.05
N THR D 65 -19.30 -21.44 13.32
CA THR D 65 -18.70 -20.48 14.25
C THR D 65 -17.25 -20.85 14.51
N LEU D 66 -16.36 -19.90 14.33
CA LEU D 66 -14.94 -20.12 14.54
C LEU D 66 -14.60 -19.88 16.00
N ASP D 67 -13.32 -19.76 16.30
CA ASP D 67 -12.86 -19.58 17.68
C ASP D 67 -12.60 -18.11 17.96
N SER D 68 -12.78 -17.73 19.21
CA SER D 68 -12.86 -16.33 19.61
C SER D 68 -11.53 -15.84 20.15
N LYS D 69 -10.97 -14.83 19.49
CA LYS D 69 -9.74 -14.21 19.94
C LYS D 69 -10.05 -13.16 20.99
N MET D 70 -9.08 -12.91 21.88
CA MET D 70 -9.23 -11.89 22.90
C MET D 70 -8.66 -10.58 22.41
N TRP D 71 -9.34 -9.48 22.72
CA TRP D 71 -8.89 -8.15 22.35
C TRP D 71 -8.45 -7.40 23.59
N GLN D 72 -7.21 -6.94 23.58
CA GLN D 72 -6.50 -6.40 24.73
C GLN D 72 -6.08 -4.97 24.45
N GLU D 73 -5.21 -4.45 25.31
CA GLU D 73 -4.70 -3.10 25.12
C GLU D 73 -3.75 -3.02 23.94
N ASN D 74 -2.86 -3.99 23.80
CA ASN D 74 -1.71 -3.89 22.91
C ASN D 74 -1.83 -4.81 21.69
N SER D 75 -3.03 -4.95 21.13
CA SER D 75 -3.19 -5.89 20.05
C SER D 75 -2.88 -5.24 18.71
N THR D 76 -2.56 -6.07 17.73
CA THR D 76 -2.15 -5.61 16.41
C THR D 76 -3.20 -5.90 15.36
N GLY D 77 -3.58 -7.16 15.19
CA GLY D 77 -4.57 -7.52 14.20
C GLY D 77 -4.68 -9.02 14.11
N TRP D 78 -5.58 -9.46 13.23
CA TRP D 78 -5.74 -10.88 12.95
C TRP D 78 -6.16 -11.04 11.50
N TYR D 79 -5.90 -12.20 10.91
CA TYR D 79 -6.37 -12.45 9.56
C TYR D 79 -6.55 -13.94 9.30
N TRP D 80 -7.59 -14.27 8.55
CA TRP D 80 -7.93 -15.63 8.17
C TRP D 80 -7.91 -15.73 6.65
N LYS D 81 -7.93 -16.95 6.12
CA LYS D 81 -7.95 -17.18 4.68
C LYS D 81 -9.13 -18.05 4.32
N PHE D 82 -9.90 -17.63 3.36
CA PHE D 82 -11.05 -18.43 2.97
C PHE D 82 -10.81 -19.05 1.61
N PRO D 83 -11.24 -20.29 1.38
CA PRO D 83 -11.92 -21.22 2.26
C PRO D 83 -10.96 -22.20 2.87
N ASP D 84 -9.84 -21.72 3.39
CA ASP D 84 -8.96 -22.63 4.11
C ASP D 84 -9.54 -23.05 5.44
N VAL D 85 -10.25 -22.13 6.12
CA VAL D 85 -10.60 -22.35 7.52
C VAL D 85 -11.68 -23.41 7.71
N LEU D 86 -12.31 -23.89 6.64
CA LEU D 86 -13.39 -24.85 6.79
C LEU D 86 -13.01 -26.23 6.30
N ASN D 87 -11.73 -26.52 6.10
CA ASN D 87 -11.34 -27.79 5.51
C ASN D 87 -11.19 -28.90 6.53
N LYS D 88 -11.65 -28.70 7.76
CA LYS D 88 -11.59 -29.75 8.76
C LYS D 88 -12.90 -29.97 9.49
N THR D 89 -13.85 -29.04 9.42
CA THR D 89 -15.06 -29.11 10.21
C THR D 89 -16.28 -29.27 9.31
N GLY D 90 -17.26 -30.00 9.81
CA GLY D 90 -18.54 -30.10 9.13
C GLY D 90 -18.48 -30.95 7.88
N VAL D 91 -19.61 -30.99 7.18
CA VAL D 91 -19.70 -31.75 5.95
C VAL D 91 -18.95 -31.03 4.84
N PHE D 92 -18.82 -29.71 4.96
CA PHE D 92 -18.03 -28.95 4.00
C PHE D 92 -16.56 -29.28 4.08
N GLY D 93 -16.09 -29.73 5.23
CA GLY D 93 -14.73 -30.24 5.28
C GLY D 93 -14.58 -31.61 4.68
N GLN D 94 -15.68 -32.32 4.45
CA GLN D 94 -15.63 -33.61 3.79
C GLN D 94 -16.21 -33.56 2.39
N ASN D 95 -16.40 -32.37 1.84
CA ASN D 95 -16.72 -32.24 0.43
C ASN D 95 -15.75 -31.32 -0.27
N ALA D 96 -14.73 -30.84 0.43
CA ALA D 96 -13.66 -30.13 -0.23
C ALA D 96 -12.39 -30.95 -0.25
N GLN D 97 -12.40 -32.14 0.32
CA GLN D 97 -11.28 -33.04 0.19
C GLN D 97 -11.51 -34.08 -0.89
N PHE D 98 -12.71 -34.62 -0.98
CA PHE D 98 -13.00 -35.59 -2.01
C PHE D 98 -13.11 -34.93 -3.38
N HIS D 99 -13.72 -33.78 -3.46
CA HIS D 99 -13.96 -33.17 -4.75
C HIS D 99 -12.81 -32.28 -5.17
N TYR D 100 -12.51 -32.33 -6.46
CA TYR D 100 -11.41 -31.54 -6.98
C TYR D 100 -11.80 -30.08 -7.17
N LEU D 101 -12.93 -29.83 -7.82
CA LEU D 101 -13.35 -28.47 -8.09
C LEU D 101 -14.13 -27.92 -6.91
N TYR D 102 -14.60 -26.68 -7.03
CA TYR D 102 -15.21 -25.92 -5.96
C TYR D 102 -15.78 -24.62 -6.50
N ARG D 103 -16.88 -24.15 -5.92
CA ARG D 103 -17.48 -22.87 -6.29
C ARG D 103 -18.49 -22.46 -5.23
N SER D 104 -18.38 -21.24 -4.68
CA SER D 104 -19.30 -20.81 -3.64
C SER D 104 -19.25 -19.30 -3.44
N GLY D 105 -20.17 -18.82 -2.61
CA GLY D 105 -20.10 -17.51 -2.02
C GLY D 105 -19.92 -17.60 -0.51
N PHE D 106 -19.82 -16.45 0.14
CA PHE D 106 -19.68 -16.42 1.58
C PHE D 106 -20.56 -15.33 2.14
N CYS D 107 -20.73 -15.34 3.47
CA CYS D 107 -21.62 -14.38 4.15
C CYS D 107 -21.11 -14.17 5.57
N LEU D 108 -20.26 -13.18 5.75
CA LEU D 108 -19.50 -13.10 7.00
C LEU D 108 -20.31 -12.36 8.05
N HIS D 109 -19.82 -12.42 9.29
CA HIS D 109 -20.49 -11.77 10.41
C HIS D 109 -19.51 -11.74 11.56
N VAL D 110 -19.28 -10.58 12.16
CA VAL D 110 -18.31 -10.46 13.25
C VAL D 110 -19.00 -9.82 14.45
N GLN D 111 -19.09 -10.56 15.55
CA GLN D 111 -19.66 -9.99 16.77
C GLN D 111 -18.55 -9.49 17.67
N CYS D 112 -18.78 -8.33 18.29
CA CYS D 112 -17.94 -7.87 19.40
C CYS D 112 -18.76 -6.89 20.22
N ASN D 113 -19.31 -7.36 21.33
CA ASN D 113 -20.17 -6.49 22.13
C ASN D 113 -19.41 -5.87 23.29
N ALA D 114 -19.88 -4.71 23.71
CA ALA D 114 -19.23 -4.00 24.80
C ALA D 114 -20.30 -3.30 25.61
N SER D 115 -19.86 -2.70 26.71
CA SER D 115 -20.75 -1.96 27.59
C SER D 115 -21.00 -0.57 27.01
N LYS D 116 -21.53 0.31 27.83
CA LYS D 116 -21.68 1.68 27.38
C LYS D 116 -20.53 2.57 27.79
N PHE D 117 -19.61 2.09 28.63
CA PHE D 117 -18.54 2.95 29.10
C PHE D 117 -17.19 2.54 28.53
N HIS D 118 -17.18 1.67 27.53
CA HIS D 118 -15.99 1.31 26.78
C HIS D 118 -15.94 2.10 25.50
N GLN D 119 -14.78 2.12 24.87
CA GLN D 119 -14.63 2.78 23.59
C GLN D 119 -13.66 2.03 22.73
N GLY D 120 -13.70 2.30 21.44
CA GLY D 120 -12.79 1.66 20.52
C GLY D 120 -13.48 1.35 19.22
N ALA D 121 -12.74 0.98 18.18
CA ALA D 121 -13.38 0.70 16.90
C ALA D 121 -12.52 -0.25 16.09
N LEU D 122 -13.15 -1.27 15.51
CA LEU D 122 -12.45 -2.23 14.67
C LEU D 122 -12.55 -1.81 13.21
N LEU D 123 -12.14 -2.69 12.31
CA LEU D 123 -12.29 -2.46 10.88
C LEU D 123 -12.37 -3.82 10.20
N VAL D 124 -13.54 -4.19 9.72
CA VAL D 124 -13.74 -5.50 9.11
C VAL D 124 -13.74 -5.33 7.61
N ALA D 125 -12.84 -6.00 6.90
CA ALA D 125 -12.70 -5.85 5.45
C ALA D 125 -12.72 -7.21 4.79
N VAL D 126 -12.76 -7.24 3.46
CA VAL D 126 -12.70 -8.46 2.68
C VAL D 126 -11.77 -8.18 1.51
N ILE D 127 -10.60 -8.81 1.48
CA ILE D 127 -9.59 -8.46 0.51
C ILE D 127 -9.43 -9.61 -0.48
N PRO D 128 -9.77 -9.44 -1.75
CA PRO D 128 -9.59 -10.53 -2.72
C PRO D 128 -8.13 -10.68 -3.11
N GLU D 129 -7.71 -11.94 -3.23
CA GLU D 129 -6.36 -12.34 -3.65
C GLU D 129 -5.31 -11.75 -2.72
N PHE D 130 -5.34 -12.19 -1.47
CA PHE D 130 -4.55 -11.58 -0.41
C PHE D 130 -3.24 -12.34 -0.28
N VAL D 131 -2.13 -11.68 -0.58
CA VAL D 131 -0.80 -12.30 -0.62
C VAL D 131 0.00 -11.79 0.57
N ILE D 132 0.64 -12.71 1.29
CA ILE D 132 1.51 -12.35 2.40
C ILE D 132 2.94 -12.24 1.89
N ALA D 133 3.67 -11.21 2.31
CA ALA D 133 5.01 -10.98 1.81
C ALA D 133 6.04 -11.12 2.92
N GLY D 134 7.23 -11.56 2.55
CA GLY D 134 8.31 -11.72 3.51
C GLY D 134 8.85 -10.38 3.94
N ARG D 135 9.71 -10.42 4.95
CA ARG D 135 10.08 -9.20 5.68
C ARG D 135 11.57 -9.08 5.84
N GLY D 136 12.31 -9.23 4.76
CA GLY D 136 13.77 -9.20 4.86
C GLY D 136 14.37 -8.41 3.71
N SER D 137 15.44 -7.70 4.03
CA SER D 137 16.06 -6.80 3.07
C SER D 137 17.23 -7.47 2.37
N ASN D 138 16.95 -8.57 1.70
CA ASN D 138 17.91 -9.22 0.82
C ASN D 138 17.43 -9.15 -0.63
N THR D 139 18.37 -9.21 -1.56
CA THR D 139 18.07 -9.24 -2.98
C THR D 139 18.83 -10.39 -3.63
N LYS D 140 18.73 -11.56 -2.99
CA LYS D 140 19.46 -12.79 -3.32
C LYS D 140 20.97 -12.58 -3.37
N GLU D 143 19.73 -16.68 1.10
CA GLU D 143 19.18 -16.39 -0.21
C GLU D 143 18.19 -15.24 -0.11
N ALA D 144 16.96 -15.55 0.28
CA ALA D 144 15.91 -14.55 0.38
C ALA D 144 14.83 -15.09 1.31
N PRO D 145 14.18 -14.24 2.07
CA PRO D 145 13.18 -14.73 3.03
C PRO D 145 11.85 -15.02 2.35
N HIS D 146 11.11 -15.97 2.92
CA HIS D 146 9.81 -16.33 2.42
C HIS D 146 8.94 -16.78 3.57
N PRO D 147 7.63 -16.57 3.50
CA PRO D 147 6.76 -16.93 4.61
C PRO D 147 6.57 -18.43 4.68
N GLY D 148 6.46 -18.95 5.90
CA GLY D 148 6.29 -20.37 6.10
C GLY D 148 4.93 -20.87 5.65
N PHE D 149 4.73 -22.17 5.79
CA PHE D 149 3.43 -22.71 5.45
C PHE D 149 2.38 -22.43 6.51
N THR D 150 2.81 -22.26 7.76
CA THR D 150 1.87 -21.96 8.82
C THR D 150 1.50 -20.49 8.90
N THR D 151 2.05 -19.66 8.02
CA THR D 151 1.66 -18.27 7.92
C THR D 151 0.80 -17.99 6.70
N THR D 152 1.11 -18.58 5.55
CA THR D 152 0.30 -18.37 4.37
C THR D 152 -1.04 -19.08 4.43
N PHE D 153 -1.18 -20.07 5.29
CA PHE D 153 -2.46 -20.77 5.46
C PHE D 153 -2.63 -21.07 6.93
N PRO D 154 -3.17 -20.12 7.69
CA PRO D 154 -3.07 -20.18 9.15
C PRO D 154 -3.93 -21.25 9.78
N GLY D 155 -4.97 -21.70 9.10
CA GLY D 155 -5.81 -22.73 9.68
C GLY D 155 -7.06 -22.13 10.29
N THR D 156 -7.53 -22.71 11.39
CA THR D 156 -8.76 -22.23 11.99
C THR D 156 -8.50 -21.04 12.91
N THR D 157 -7.30 -20.98 13.50
CA THR D 157 -7.02 -19.92 14.46
C THR D 157 -6.84 -18.57 13.77
N GLY D 158 -5.81 -18.46 12.92
CA GLY D 158 -5.55 -17.21 12.25
C GLY D 158 -4.48 -16.42 12.95
N ALA D 159 -3.39 -16.12 12.26
CA ALA D 159 -2.24 -15.52 12.93
C ALA D 159 -2.47 -14.03 13.13
N THR D 160 -1.45 -13.35 13.63
CA THR D 160 -1.53 -11.93 13.90
C THR D 160 -0.72 -11.17 12.87
N PHE D 161 -1.08 -9.91 12.63
CA PHE D 161 -0.23 -9.08 11.80
C PHE D 161 1.03 -8.71 12.55
N TYR D 162 2.12 -8.57 11.80
CA TYR D 162 3.34 -8.03 12.36
C TYR D 162 3.42 -6.53 12.13
N ASP D 163 3.04 -6.07 10.95
CA ASP D 163 2.99 -4.65 10.64
C ASP D 163 1.62 -4.31 10.12
N PRO D 164 0.71 -3.84 10.96
CA PRO D 164 -0.63 -3.52 10.46
C PRO D 164 -0.68 -2.26 9.67
N TYR D 165 0.35 -1.41 9.76
CA TYR D 165 0.29 -0.14 9.05
C TYR D 165 0.45 -0.34 7.55
N VAL D 166 1.14 -1.41 7.14
CA VAL D 166 1.34 -1.67 5.71
C VAL D 166 0.80 -3.01 5.28
N LEU D 167 -0.04 -3.65 6.12
CA LEU D 167 -0.86 -4.81 5.77
C LEU D 167 -0.08 -6.02 5.26
N ASP D 168 1.18 -6.16 5.64
CA ASP D 168 2.11 -7.19 5.16
C ASP D 168 2.26 -7.24 3.65
N SER D 169 1.95 -6.17 2.93
CA SER D 169 2.10 -6.20 1.49
C SER D 169 2.65 -4.90 0.95
N GLY D 170 3.01 -3.94 1.78
CA GLY D 170 3.37 -2.67 1.22
C GLY D 170 2.20 -1.87 0.73
N VAL D 171 1.02 -2.11 1.28
CA VAL D 171 -0.16 -1.34 0.93
C VAL D 171 -0.59 -0.60 2.20
N PRO D 172 -0.63 0.72 2.20
CA PRO D 172 -0.95 1.43 3.43
C PRO D 172 -2.41 1.26 3.80
N LEU D 173 -2.68 1.37 5.10
CA LEU D 173 -4.01 1.04 5.59
C LEU D 173 -5.01 2.11 5.24
N SER D 174 -4.54 3.34 5.05
CA SER D 174 -5.45 4.46 4.84
C SER D 174 -6.17 4.38 3.51
N GLN D 175 -5.62 3.65 2.55
CA GLN D 175 -6.24 3.49 1.26
C GLN D 175 -7.11 2.24 1.21
N ALA D 176 -7.25 1.51 2.31
CA ALA D 176 -7.86 0.20 2.27
C ALA D 176 -9.34 0.23 2.56
N LEU D 177 -10.02 1.31 2.22
CA LEU D 177 -11.47 1.32 2.22
C LEU D 177 -12.04 1.16 0.82
N ILE D 178 -11.19 0.87 -0.16
CA ILE D 178 -11.69 0.62 -1.50
C ILE D 178 -12.25 -0.79 -1.60
N TYR D 179 -11.93 -1.65 -0.65
CA TYR D 179 -12.52 -2.96 -0.52
C TYR D 179 -13.90 -2.86 0.11
N PRO D 180 -14.71 -3.91 0.08
CA PRO D 180 -15.93 -3.91 0.89
C PRO D 180 -15.58 -3.94 2.37
N HIS D 181 -16.34 -3.19 3.17
CA HIS D 181 -15.99 -3.08 4.58
C HIS D 181 -17.17 -2.54 5.37
N GLN D 182 -17.20 -2.86 6.65
CA GLN D 182 -18.00 -2.14 7.62
C GLN D 182 -17.20 -1.86 8.87
N TRP D 183 -17.57 -0.81 9.57
CA TRP D 183 -16.95 -0.45 10.83
C TRP D 183 -17.69 -1.10 11.98
N ILE D 184 -16.98 -1.37 13.06
CA ILE D 184 -17.61 -1.74 14.32
C ILE D 184 -17.27 -0.63 15.29
N ASN D 185 -18.13 0.35 15.38
CA ASN D 185 -17.96 1.47 16.28
C ASN D 185 -18.72 1.13 17.55
N LEU D 186 -18.02 1.06 18.67
CA LEU D 186 -18.60 0.48 19.88
C LEU D 186 -19.57 1.41 20.61
N ARG D 187 -19.90 2.57 20.06
CA ARG D 187 -20.99 3.35 20.62
C ARG D 187 -22.29 3.20 19.85
N THR D 188 -22.26 2.70 18.62
CA THR D 188 -23.44 2.64 17.77
C THR D 188 -23.86 1.20 17.48
N ASN D 189 -22.99 0.39 16.90
CA ASN D 189 -23.35 -0.97 16.60
C ASN D 189 -22.39 -1.95 17.28
N ASN D 190 -22.69 -3.24 17.16
CA ASN D 190 -21.78 -4.24 17.69
C ASN D 190 -21.68 -5.47 16.80
N CYS D 191 -22.06 -5.38 15.53
CA CYS D 191 -21.90 -6.48 14.61
C CYS D 191 -21.81 -5.94 13.19
N ALA D 192 -21.08 -6.65 12.34
CA ALA D 192 -20.86 -6.21 10.97
C ALA D 192 -21.02 -7.38 10.02
N THR D 193 -21.64 -7.13 8.87
CA THR D 193 -22.07 -8.19 7.96
C THR D 193 -21.70 -7.87 6.53
N VAL D 194 -20.97 -8.76 5.88
CA VAL D 194 -20.58 -8.62 4.49
C VAL D 194 -21.08 -9.85 3.74
N ILE D 195 -21.65 -9.65 2.55
CA ILE D 195 -22.05 -10.76 1.69
C ILE D 195 -21.22 -10.67 0.42
N VAL D 196 -20.42 -11.68 0.14
CA VAL D 196 -19.45 -11.64 -0.95
C VAL D 196 -19.87 -12.63 -2.02
N PRO D 197 -19.97 -12.23 -3.28
CA PRO D 197 -20.18 -13.19 -4.36
C PRO D 197 -18.89 -13.87 -4.75
N TYR D 198 -18.89 -14.68 -5.79
CA TYR D 198 -17.72 -15.46 -6.15
C TYR D 198 -16.88 -14.71 -7.16
N ILE D 199 -15.70 -14.26 -6.76
CA ILE D 199 -14.83 -13.45 -7.60
C ILE D 199 -13.59 -14.27 -7.93
N ASN D 200 -13.51 -14.74 -9.17
CA ASN D 200 -12.36 -15.51 -9.62
C ASN D 200 -12.37 -15.52 -11.14
N ALA D 201 -11.18 -15.75 -11.71
CA ALA D 201 -10.99 -15.63 -13.16
C ALA D 201 -11.51 -16.85 -13.90
N VAL D 202 -10.97 -18.03 -13.61
CA VAL D 202 -11.49 -19.27 -14.16
C VAL D 202 -12.83 -19.55 -13.48
N PRO D 203 -13.79 -20.20 -14.14
CA PRO D 203 -15.12 -20.38 -13.54
C PRO D 203 -15.15 -21.24 -12.29
N PHE D 204 -14.64 -22.45 -12.33
CA PHE D 204 -14.53 -23.26 -11.13
C PHE D 204 -13.16 -23.02 -10.51
N ASP D 205 -12.80 -23.80 -9.50
CA ASP D 205 -11.56 -23.56 -8.77
C ASP D 205 -11.18 -24.80 -7.99
N SER D 206 -9.87 -25.01 -7.85
CA SER D 206 -9.39 -25.97 -6.88
C SER D 206 -9.65 -25.46 -5.48
N ALA D 207 -9.79 -26.39 -4.54
CA ALA D 207 -10.34 -26.01 -3.24
C ALA D 207 -9.31 -25.92 -2.13
N ILE D 208 -8.15 -26.54 -2.28
CA ILE D 208 -7.20 -26.65 -1.20
C ILE D 208 -6.03 -25.70 -1.38
N ASN D 209 -5.60 -25.47 -2.61
CA ASN D 209 -4.47 -24.58 -2.83
C ASN D 209 -4.91 -23.13 -3.03
N HIS D 210 -5.76 -22.88 -3.99
CA HIS D 210 -6.12 -21.49 -4.31
C HIS D 210 -7.19 -21.03 -3.35
N SER D 211 -6.78 -20.42 -2.25
CA SER D 211 -7.71 -19.77 -1.34
C SER D 211 -8.01 -18.37 -1.85
N ASN D 212 -9.30 -18.05 -1.98
CA ASN D 212 -9.72 -16.87 -2.74
C ASN D 212 -9.36 -15.58 -2.02
N PHE D 213 -9.93 -15.35 -0.85
CA PHE D 213 -9.80 -14.05 -0.22
C PHE D 213 -9.60 -14.21 1.27
N GLY D 214 -9.42 -13.09 1.94
CA GLY D 214 -9.08 -13.15 3.34
C GLY D 214 -9.69 -12.07 4.20
N LEU D 215 -10.38 -12.47 5.25
CA LEU D 215 -10.94 -11.53 6.20
C LEU D 215 -9.83 -10.88 7.01
N ILE D 216 -10.06 -9.64 7.44
CA ILE D 216 -9.10 -8.86 8.21
C ILE D 216 -9.84 -8.07 9.28
N VAL D 217 -9.37 -8.15 10.52
CA VAL D 217 -9.85 -7.29 11.60
C VAL D 217 -8.67 -6.54 12.19
N ILE D 218 -8.68 -5.23 12.06
CA ILE D 218 -7.60 -4.39 12.59
C ILE D 218 -8.17 -3.36 13.54
N PRO D 219 -7.80 -3.38 14.80
CA PRO D 219 -8.31 -2.38 15.74
C PRO D 219 -7.63 -1.03 15.56
N VAL D 220 -8.41 -0.05 15.14
CA VAL D 220 -7.84 1.25 14.80
C VAL D 220 -7.67 2.12 16.04
N SER D 221 -8.77 2.47 16.69
CA SER D 221 -8.69 3.25 17.92
C SER D 221 -8.71 2.29 19.09
N PRO D 222 -7.65 2.21 19.88
CA PRO D 222 -7.49 1.07 20.79
C PRO D 222 -8.41 1.15 21.99
N LEU D 223 -8.59 -0.01 22.61
CA LEU D 223 -9.55 -0.16 23.69
C LEU D 223 -9.08 0.58 24.93
N LYS D 224 -9.92 1.45 25.45
CA LYS D 224 -9.65 2.09 26.72
C LYS D 224 -10.88 1.94 27.59
N TYR D 225 -10.67 1.76 28.89
CA TYR D 225 -11.77 1.64 29.82
C TYR D 225 -11.30 2.10 31.18
N SER D 226 -12.25 2.64 31.95
CA SER D 226 -11.93 3.07 33.29
C SER D 226 -11.76 1.87 34.21
N SER D 227 -11.35 2.14 35.44
CA SER D 227 -11.05 1.08 36.39
C SER D 227 -12.33 0.46 36.92
N GLY D 228 -12.40 -0.87 36.89
CA GLY D 228 -13.52 -1.62 37.44
C GLY D 228 -14.33 -2.37 36.42
N ALA D 229 -14.22 -2.04 35.15
CA ALA D 229 -15.03 -2.72 34.15
C ALA D 229 -14.43 -4.08 33.83
N THR D 230 -15.19 -4.88 33.10
CA THR D 230 -14.72 -6.19 32.68
C THR D 230 -13.67 -6.03 31.60
N THR D 231 -12.56 -6.74 31.74
CA THR D 231 -11.38 -6.47 30.92
C THR D 231 -11.22 -7.39 29.72
N ALA D 232 -11.93 -8.50 29.65
CA ALA D 232 -11.75 -9.46 28.57
C ALA D 232 -12.90 -9.29 27.58
N ILE D 233 -12.61 -8.66 26.45
CA ILE D 233 -13.58 -8.47 25.38
C ILE D 233 -13.19 -9.41 24.24
N PRO D 234 -13.94 -10.48 23.97
CA PRO D 234 -13.59 -11.36 22.86
C PRO D 234 -14.29 -10.98 21.57
N ILE D 235 -13.77 -11.54 20.48
CA ILE D 235 -14.24 -11.28 19.12
C ILE D 235 -14.39 -12.61 18.39
N THR D 236 -15.58 -12.88 17.88
CA THR D 236 -15.86 -14.10 17.15
C THR D 236 -15.98 -13.81 15.67
N ILE D 237 -16.18 -14.86 14.88
CA ILE D 237 -16.53 -14.75 13.46
C ILE D 237 -17.64 -15.77 13.22
N THR D 238 -18.55 -15.46 12.30
CA THR D 238 -19.56 -16.42 11.92
C THR D 238 -19.71 -16.38 10.40
N ILE D 239 -19.17 -17.37 9.70
CA ILE D 239 -19.25 -17.42 8.26
C ILE D 239 -20.24 -18.50 7.86
N ALA D 240 -20.65 -18.48 6.60
CA ALA D 240 -21.62 -19.43 6.07
C ALA D 240 -21.60 -19.41 4.55
N PRO D 241 -21.42 -20.52 3.88
CA PRO D 241 -21.41 -20.50 2.41
C PRO D 241 -22.81 -20.31 1.86
N LEU D 242 -22.88 -19.99 0.56
CA LEU D 242 -24.14 -19.78 -0.12
C LEU D 242 -24.05 -20.32 -1.52
N ASN D 243 -25.01 -21.17 -1.89
CA ASN D 243 -25.18 -21.69 -3.24
C ASN D 243 -23.95 -22.42 -3.72
N SER D 244 -23.33 -23.19 -2.85
CA SER D 244 -22.07 -23.84 -3.17
C SER D 244 -22.31 -25.09 -3.98
N GLU D 245 -21.51 -25.29 -5.02
CA GLU D 245 -21.56 -26.53 -5.78
C GLU D 245 -20.15 -27.05 -6.00
N PHE D 246 -20.03 -28.37 -6.06
CA PHE D 246 -18.76 -29.04 -6.17
C PHE D 246 -18.70 -29.80 -7.50
N GLY D 247 -17.67 -30.62 -7.69
CA GLY D 247 -17.59 -31.43 -8.89
C GLY D 247 -16.27 -32.13 -9.10
N GLY D 248 -16.27 -33.22 -9.85
CA GLY D 248 -15.01 -33.89 -10.16
C GLY D 248 -14.43 -34.75 -9.06
N LEU D 249 -15.06 -35.88 -8.78
CA LEU D 249 -14.72 -36.72 -7.63
C LEU D 249 -13.39 -37.43 -7.80
N ARG D 250 -12.70 -37.67 -6.68
CA ARG D 250 -11.46 -38.43 -6.64
C ARG D 250 -11.27 -38.96 -5.22
N GLN D 251 -10.10 -39.53 -4.94
CA GLN D 251 -9.81 -40.03 -3.60
C GLN D 251 -9.44 -38.88 -2.67
N ALA D 252 -9.16 -39.19 -1.41
CA ALA D 252 -8.97 -38.16 -0.41
C ALA D 252 -7.55 -37.64 -0.43
N VAL D 253 -7.39 -36.33 -0.53
CA VAL D 253 -6.12 -35.66 -0.31
C VAL D 253 -6.39 -34.45 0.57
N SER D 254 -5.76 -34.42 1.74
CA SER D 254 -5.95 -33.31 2.65
C SER D 254 -5.03 -32.15 2.30
N GLY E 1 3.62 3.59 -60.04
CA GLY E 1 2.33 3.61 -59.37
C GLY E 1 1.88 5.01 -59.06
N ILE E 2 1.18 5.20 -57.96
CA ILE E 2 0.69 6.52 -57.59
C ILE E 2 1.88 7.33 -57.07
N PRO E 3 1.98 8.61 -57.40
CA PRO E 3 3.10 9.40 -56.89
C PRO E 3 2.78 9.95 -55.51
N ALA E 4 3.70 9.75 -54.57
CA ALA E 4 3.49 10.16 -53.20
C ALA E 4 4.79 10.71 -52.65
N GLU E 5 4.83 12.01 -52.38
CA GLU E 5 5.95 12.61 -51.70
C GLU E 5 5.80 12.39 -50.21
N LEU E 6 6.88 12.58 -49.47
CA LEU E 6 6.86 12.31 -48.05
C LEU E 6 6.81 13.62 -47.27
N ARG E 7 6.81 13.52 -45.95
CA ARG E 7 6.62 14.68 -45.10
C ARG E 7 7.59 14.63 -43.93
N PRO E 8 7.80 15.76 -43.25
CA PRO E 8 8.36 15.69 -41.91
C PRO E 8 7.42 14.95 -40.99
N GLY E 9 7.99 14.15 -40.10
CA GLY E 9 7.25 13.16 -39.36
C GLY E 9 7.56 11.77 -39.79
N THR E 10 8.34 11.63 -40.85
CA THR E 10 8.76 10.32 -41.34
C THR E 10 9.71 9.71 -40.34
N ASN E 11 9.59 8.39 -40.15
CA ASN E 11 10.56 7.55 -39.47
C ASN E 11 10.71 7.88 -37.99
N GLN E 12 9.72 8.52 -37.38
CA GLN E 12 9.82 8.82 -35.97
C GLN E 12 9.08 7.76 -35.17
N PHE E 13 9.11 7.89 -33.86
CA PHE E 13 8.45 6.94 -32.98
C PHE E 13 7.84 7.71 -31.82
N LEU E 14 6.59 8.09 -31.95
CA LEU E 14 5.91 8.81 -30.90
C LEU E 14 5.23 7.80 -30.00
N THR E 15 5.37 7.97 -28.69
CA THR E 15 4.93 6.90 -27.79
C THR E 15 3.41 6.88 -27.64
N THR E 16 2.80 8.03 -27.41
CA THR E 16 1.40 8.09 -27.04
C THR E 16 0.45 8.02 -28.22
N ASP E 17 0.89 7.56 -29.39
CA ASP E 17 0.05 7.52 -30.57
C ASP E 17 -0.49 6.12 -30.76
N ASP E 18 -1.70 6.02 -31.33
CA ASP E 18 -2.39 4.75 -31.51
C ASP E 18 -2.57 4.48 -33.01
N GLY E 19 -1.74 3.61 -33.55
CA GLY E 19 -1.89 3.14 -34.91
C GLY E 19 -1.85 1.63 -34.96
N THR E 20 -2.15 1.09 -36.12
CA THR E 20 -2.13 -0.36 -36.30
C THR E 20 -0.70 -0.86 -36.39
N ALA E 21 -0.54 -2.17 -36.25
CA ALA E 21 0.74 -2.81 -36.48
C ALA E 21 0.48 -4.27 -36.83
N ALA E 22 1.41 -4.85 -37.57
CA ALA E 22 1.18 -6.13 -38.22
C ALA E 22 1.12 -7.25 -37.19
N PRO E 23 0.09 -8.09 -37.21
CA PRO E 23 -0.05 -9.11 -36.18
C PRO E 23 0.92 -10.24 -36.42
N ILE E 24 1.14 -11.05 -35.38
CA ILE E 24 2.09 -12.13 -35.51
C ILE E 24 1.40 -13.48 -35.70
N LEU E 25 0.19 -13.63 -35.17
CA LEU E 25 -0.49 -14.91 -35.25
C LEU E 25 -1.71 -14.78 -36.14
N PRO E 26 -1.66 -15.21 -37.39
CA PRO E 26 -2.84 -15.13 -38.24
C PRO E 26 -3.87 -16.17 -37.84
N GLY E 27 -5.12 -15.74 -37.82
CA GLY E 27 -6.21 -16.62 -37.45
C GLY E 27 -6.13 -17.03 -36.01
N PHE E 28 -6.39 -16.10 -35.09
CA PHE E 28 -6.32 -16.39 -33.68
C PHE E 28 -7.64 -16.02 -33.04
N THR E 29 -8.20 -16.93 -32.25
CA THR E 29 -9.45 -16.71 -31.55
C THR E 29 -9.22 -16.86 -30.05
N PRO E 30 -9.34 -15.80 -29.25
CA PRO E 30 -8.90 -15.86 -27.87
C PRO E 30 -9.84 -16.66 -27.00
N THR E 31 -9.42 -16.84 -25.76
CA THR E 31 -10.20 -17.57 -24.78
C THR E 31 -11.36 -16.72 -24.32
N PRO E 32 -12.59 -17.23 -24.31
CA PRO E 32 -13.76 -16.36 -24.20
C PRO E 32 -13.98 -15.84 -22.79
N THR E 33 -14.65 -14.71 -22.70
CA THR E 33 -14.85 -14.08 -21.41
C THR E 33 -16.00 -14.73 -20.66
N ILE E 34 -15.97 -14.57 -19.35
CA ILE E 34 -17.09 -14.95 -18.49
C ILE E 34 -17.39 -13.76 -17.60
N HIS E 35 -18.52 -13.83 -16.91
CA HIS E 35 -18.98 -12.70 -16.11
C HIS E 35 -18.23 -12.65 -14.79
N ILE E 36 -17.51 -11.56 -14.57
CA ILE E 36 -16.75 -11.34 -13.35
C ILE E 36 -17.26 -10.07 -12.70
N PRO E 37 -17.64 -10.09 -11.42
CA PRO E 37 -18.28 -8.93 -10.82
C PRO E 37 -17.28 -7.82 -10.56
N GLY E 38 -17.80 -6.61 -10.46
CA GLY E 38 -16.98 -5.49 -10.07
C GLY E 38 -16.08 -4.98 -11.17
N GLU E 39 -16.68 -4.60 -12.29
CA GLU E 39 -15.95 -4.07 -13.43
C GLU E 39 -15.91 -2.56 -13.36
N VAL E 40 -14.75 -1.98 -13.55
CA VAL E 40 -14.68 -0.54 -13.65
C VAL E 40 -14.83 -0.14 -15.11
N HIS E 41 -15.23 1.11 -15.32
CA HIS E 41 -15.26 1.72 -16.63
C HIS E 41 -14.52 3.03 -16.70
N SER E 42 -14.13 3.60 -15.57
CA SER E 42 -13.46 4.88 -15.57
C SER E 42 -12.67 5.00 -14.28
N LEU E 43 -11.83 6.02 -14.20
CA LEU E 43 -11.19 6.38 -12.94
C LEU E 43 -11.92 7.48 -12.21
N LEU E 44 -13.21 7.64 -12.46
CA LEU E 44 -14.02 8.50 -11.63
C LEU E 44 -14.99 7.72 -10.77
N GLU E 45 -15.02 6.41 -10.91
CA GLU E 45 -15.64 5.56 -9.91
C GLU E 45 -14.66 5.13 -8.85
N LEU E 46 -13.42 5.63 -8.90
CA LEU E 46 -12.44 5.37 -7.86
C LEU E 46 -12.03 6.63 -7.11
N CYS E 47 -12.55 7.78 -7.49
CA CYS E 47 -12.33 8.99 -6.71
C CYS E 47 -13.48 9.28 -5.78
N ARG E 48 -14.58 8.54 -5.87
CA ARG E 48 -15.75 8.80 -5.06
C ARG E 48 -15.89 7.85 -3.89
N VAL E 49 -14.81 7.26 -3.42
CA VAL E 49 -14.85 6.30 -2.34
C VAL E 49 -14.09 6.87 -1.16
N GLU E 50 -14.76 6.96 -0.01
CA GLU E 50 -14.17 7.61 1.16
C GLU E 50 -13.09 6.74 1.77
N THR E 51 -11.87 7.26 1.83
CA THR E 51 -10.75 6.63 2.48
C THR E 51 -10.31 7.48 3.66
N ILE E 52 -9.27 7.05 4.36
CA ILE E 52 -8.88 7.67 5.62
C ILE E 52 -7.76 8.64 5.35
N LEU E 53 -7.92 9.89 5.80
CA LEU E 53 -6.82 10.84 5.75
C LEU E 53 -5.76 10.52 6.78
N GLU E 54 -4.66 11.25 6.72
CA GLU E 54 -3.58 11.11 7.68
C GLU E 54 -3.31 12.50 8.23
N VAL E 55 -4.06 12.88 9.25
CA VAL E 55 -4.03 14.26 9.72
C VAL E 55 -2.96 14.47 10.77
N ASN E 56 -2.77 13.51 11.67
CA ASN E 56 -1.81 13.65 12.76
C ASN E 56 -0.41 13.27 12.27
N ASN E 57 0.08 14.00 11.28
CA ASN E 57 1.38 13.67 10.72
C ASN E 57 2.53 14.47 11.31
N THR E 58 2.49 14.59 12.62
CA THR E 58 3.52 15.27 13.38
C THR E 58 4.75 14.46 13.79
N THR E 59 5.67 15.12 14.46
CA THR E 59 6.91 14.49 14.92
C THR E 59 6.78 13.33 15.91
N GLU E 60 5.89 13.46 16.90
CA GLU E 60 5.77 12.44 17.95
C GLU E 60 4.81 11.24 17.78
N ALA E 61 4.04 11.16 16.71
CA ALA E 61 3.11 10.03 16.55
C ALA E 61 3.62 9.06 15.49
N THR E 62 3.70 7.77 15.85
CA THR E 62 4.17 6.80 14.90
C THR E 62 3.33 5.56 14.78
N GLY E 63 2.77 5.37 13.60
CA GLY E 63 2.08 4.13 13.29
C GLY E 63 0.60 4.29 13.00
N LEU E 64 -0.24 3.49 13.66
CA LEU E 64 -1.67 3.67 13.56
C LEU E 64 -2.18 4.90 14.30
N THR E 65 -1.34 5.54 15.11
CA THR E 65 -1.76 6.75 15.78
C THR E 65 -1.73 7.94 14.83
N ARG E 66 -1.07 7.82 13.67
CA ARG E 66 -1.03 8.93 12.72
C ARG E 66 -2.38 9.20 12.11
N LEU E 67 -3.26 8.20 12.06
CA LEU E 67 -4.47 8.34 11.30
C LEU E 67 -5.56 9.13 12.00
N LEU E 68 -5.38 9.51 13.27
CA LEU E 68 -6.52 10.02 14.01
C LEU E 68 -6.16 11.25 14.83
N ILE E 69 -7.17 12.10 15.00
CA ILE E 69 -7.04 13.38 15.67
C ILE E 69 -7.53 13.23 17.10
N PRO E 70 -6.80 13.69 18.11
CA PRO E 70 -7.26 13.53 19.49
C PRO E 70 -8.01 14.74 20.01
N VAL E 71 -9.06 14.47 20.79
CA VAL E 71 -9.80 15.50 21.49
C VAL E 71 -9.75 15.19 22.97
N SER E 72 -9.98 16.23 23.78
CA SER E 72 -9.96 16.06 25.22
C SER E 72 -10.70 17.22 25.86
N SER E 73 -11.08 17.03 27.12
CA SER E 73 -11.84 18.04 27.83
C SER E 73 -10.95 19.22 28.15
N GLN E 74 -11.14 20.33 27.46
CA GLN E 74 -10.30 21.50 27.66
C GLN E 74 -10.67 22.23 28.94
N ASN E 75 -9.79 23.15 29.33
CA ASN E 75 -10.05 24.03 30.47
C ASN E 75 -10.90 25.22 30.07
N LYS E 76 -10.73 25.71 28.85
CA LYS E 76 -11.39 26.90 28.35
C LYS E 76 -12.12 26.55 27.06
N ALA E 77 -12.85 27.52 26.52
CA ALA E 77 -13.45 27.35 25.21
C ALA E 77 -12.48 27.85 24.15
N ASP E 78 -12.96 28.05 22.92
CA ASP E 78 -12.30 28.79 21.83
C ASP E 78 -11.06 28.06 21.30
N GLU E 79 -10.71 26.89 21.83
CA GLU E 79 -9.43 26.31 21.46
C GLU E 79 -9.49 25.62 20.11
N LEU E 80 -8.33 25.21 19.65
CA LEU E 80 -8.13 24.66 18.32
C LEU E 80 -7.77 23.19 18.46
N CYS E 81 -8.16 22.39 17.48
CA CYS E 81 -7.92 20.95 17.62
C CYS E 81 -7.04 20.38 16.53
N ALA E 82 -7.24 20.76 15.27
CA ALA E 82 -6.38 20.35 14.17
C ALA E 82 -6.53 21.37 13.04
N ALA E 83 -5.62 21.30 12.06
CA ALA E 83 -5.67 22.17 10.90
C ALA E 83 -4.86 21.56 9.78
N PHE E 84 -5.38 21.65 8.56
CA PHE E 84 -4.66 21.14 7.39
C PHE E 84 -5.11 21.87 6.15
N MET E 85 -4.50 21.54 5.02
CA MET E 85 -4.73 22.22 3.75
C MET E 85 -5.66 21.41 2.85
N VAL E 86 -6.12 22.06 1.79
CA VAL E 86 -6.85 21.39 0.71
C VAL E 86 -6.00 21.56 -0.54
N ASP E 87 -5.18 20.56 -0.82
CA ASP E 87 -4.40 20.48 -2.05
C ASP E 87 -4.13 19.01 -2.32
N PRO E 88 -4.98 18.38 -3.09
CA PRO E 88 -4.65 17.05 -3.57
C PRO E 88 -3.49 17.15 -4.53
N GLY E 89 -2.31 16.74 -4.11
CA GLY E 89 -1.10 16.97 -4.87
C GLY E 89 -0.10 17.88 -4.20
N ARG E 90 -0.14 17.98 -2.90
CA ARG E 90 0.85 18.71 -2.12
C ARG E 90 1.14 17.87 -0.90
N ILE E 91 2.40 17.85 -0.46
CA ILE E 91 2.80 16.96 0.62
C ILE E 91 2.15 17.39 1.93
N GLY E 92 1.69 16.40 2.69
CA GLY E 92 0.86 16.66 3.83
C GLY E 92 -0.19 15.58 3.97
N PRO E 93 -1.37 15.94 4.46
CA PRO E 93 -2.35 14.93 4.79
C PRO E 93 -2.99 14.25 3.60
N TRP E 94 -3.08 14.90 2.46
CA TRP E 94 -3.79 14.28 1.35
C TRP E 94 -2.96 13.25 0.62
N GLN E 95 -1.76 12.94 1.06
CA GLN E 95 -0.91 12.06 0.28
C GLN E 95 -1.25 10.58 0.50
N SER E 96 -2.13 10.28 1.44
CA SER E 96 -2.47 8.89 1.72
C SER E 96 -3.94 8.58 1.48
N THR E 97 -4.54 9.20 0.47
CA THR E 97 -5.89 8.87 0.04
C THR E 97 -5.87 8.55 -1.45
N LEU E 98 -6.97 7.99 -1.93
CA LEU E 98 -7.07 7.68 -3.35
C LEU E 98 -7.18 8.90 -4.22
N VAL E 99 -7.62 10.03 -3.68
CA VAL E 99 -7.54 11.26 -4.47
C VAL E 99 -6.09 11.70 -4.59
N GLY E 100 -5.35 11.63 -3.49
CA GLY E 100 -3.97 12.09 -3.52
C GLY E 100 -3.03 11.19 -4.28
N GLN E 101 -3.42 9.96 -4.55
CA GLN E 101 -2.58 9.07 -5.34
C GLN E 101 -3.00 9.01 -6.80
N ILE E 102 -4.17 9.53 -7.15
CA ILE E 102 -4.60 9.61 -8.53
C ILE E 102 -4.43 11.01 -9.08
N CYS E 103 -4.70 12.02 -8.29
CA CYS E 103 -4.42 13.38 -8.75
C CYS E 103 -2.89 13.70 -8.76
N ARG E 104 -2.00 12.74 -8.55
CA ARG E 104 -0.60 12.92 -8.92
C ARG E 104 -0.24 12.27 -10.24
N TYR E 105 -1.06 11.36 -10.76
CA TYR E 105 -0.87 10.98 -12.15
C TYR E 105 -1.41 12.04 -13.09
N TYR E 106 -2.36 12.84 -12.65
CA TYR E 106 -2.89 13.88 -13.51
C TYR E 106 -2.49 15.24 -13.02
N THR E 107 -2.62 16.20 -13.91
CA THR E 107 -2.44 17.62 -13.63
C THR E 107 -3.81 18.27 -13.78
N GLN E 108 -4.01 19.41 -13.13
CA GLN E 108 -5.18 20.26 -13.34
C GLN E 108 -6.49 19.56 -12.95
N TRP E 109 -6.69 19.43 -11.64
CA TRP E 109 -7.97 18.95 -11.14
C TRP E 109 -9.04 20.04 -11.18
N SER E 110 -10.25 19.69 -10.74
CA SER E 110 -11.38 20.60 -10.71
C SER E 110 -12.41 20.08 -9.72
N GLY E 111 -13.53 20.79 -9.64
CA GLY E 111 -14.68 20.26 -8.93
C GLY E 111 -14.55 20.29 -7.42
N SER E 112 -15.64 19.90 -6.77
CA SER E 112 -15.77 20.01 -5.33
C SER E 112 -14.99 18.91 -4.63
N LEU E 113 -15.05 18.90 -3.31
CA LEU E 113 -14.55 17.80 -2.49
C LEU E 113 -15.50 17.62 -1.33
N LYS E 114 -15.25 16.61 -0.51
CA LYS E 114 -15.96 16.52 0.74
C LYS E 114 -15.07 15.81 1.75
N VAL E 115 -15.27 16.14 3.02
CA VAL E 115 -14.51 15.57 4.13
C VAL E 115 -15.51 15.03 5.12
N THR E 116 -15.39 13.76 5.47
CA THR E 116 -16.30 13.11 6.41
C THR E 116 -15.57 12.82 7.71
N PHE E 117 -16.18 13.18 8.83
CA PHE E 117 -15.59 12.90 10.14
C PHE E 117 -16.37 11.81 10.84
N MET E 118 -15.68 11.02 11.63
CA MET E 118 -16.32 9.97 12.41
C MET E 118 -15.74 10.02 13.81
N PHE E 119 -16.58 9.88 14.82
CA PHE E 119 -16.20 10.04 16.20
C PHE E 119 -16.20 8.67 16.86
N THR E 120 -15.05 8.27 17.42
CA THR E 120 -14.90 6.94 17.99
C THR E 120 -14.94 6.94 19.50
N GLY E 121 -15.60 7.91 20.09
CA GLY E 121 -15.59 8.06 21.54
C GLY E 121 -16.49 7.06 22.24
N SER E 122 -16.81 7.40 23.49
CA SER E 122 -17.67 6.57 24.32
C SER E 122 -19.14 6.73 23.95
N PHE E 123 -20.05 6.31 24.82
CA PHE E 123 -21.45 6.54 24.55
C PHE E 123 -22.03 7.71 25.33
N MET E 124 -21.60 7.92 26.56
CA MET E 124 -22.22 8.93 27.40
C MET E 124 -21.59 10.30 27.27
N ALA E 125 -20.67 10.49 26.34
CA ALA E 125 -19.93 11.74 26.24
C ALA E 125 -20.39 12.52 25.03
N THR E 126 -20.79 13.77 25.23
CA THR E 126 -21.29 14.62 24.18
C THR E 126 -20.47 15.90 24.10
N GLY E 127 -20.87 16.77 23.18
CA GLY E 127 -20.13 17.99 22.91
C GLY E 127 -20.55 18.53 21.56
N LYS E 128 -19.85 19.57 21.12
CA LYS E 128 -20.08 20.12 19.79
C LYS E 128 -18.74 20.52 19.21
N MET E 129 -18.65 20.56 17.89
CA MET E 129 -17.38 20.85 17.22
C MET E 129 -17.69 21.66 15.98
N LEU E 130 -17.26 22.91 15.93
CA LEU E 130 -17.35 23.68 14.71
C LEU E 130 -16.33 23.15 13.73
N VAL E 131 -16.66 23.22 12.43
CA VAL E 131 -15.79 22.74 11.35
C VAL E 131 -15.71 23.87 10.35
N ALA E 132 -14.63 24.62 10.33
CA ALA E 132 -14.58 25.78 9.47
C ALA E 132 -13.83 25.50 8.19
N TYR E 133 -13.82 26.50 7.30
CA TYR E 133 -13.14 26.48 6.02
C TYR E 133 -13.06 27.92 5.53
N SER E 134 -11.91 28.30 4.97
CA SER E 134 -11.77 29.67 4.56
C SER E 134 -10.98 29.77 3.27
N PRO E 135 -11.47 30.53 2.29
CA PRO E 135 -10.77 30.68 1.01
C PRO E 135 -9.44 31.39 1.20
N PRO E 136 -8.51 31.27 0.24
CA PRO E 136 -7.14 31.74 0.51
C PRO E 136 -6.97 33.24 0.55
N GLY E 137 -5.74 33.68 0.68
CA GLY E 137 -5.45 35.10 0.62
C GLY E 137 -4.77 35.61 1.87
N SER E 138 -5.19 35.10 3.01
CA SER E 138 -4.59 35.46 4.28
C SER E 138 -3.93 34.23 4.87
N ALA E 139 -3.47 34.36 6.11
CA ALA E 139 -2.79 33.26 6.79
C ALA E 139 -3.81 32.36 7.49
N GLN E 140 -3.32 31.49 8.35
CA GLN E 140 -4.20 30.63 9.13
C GLN E 140 -4.90 31.48 10.19
N PRO E 141 -6.20 31.26 10.43
CA PRO E 141 -6.94 32.14 11.33
C PRO E 141 -6.49 32.03 12.78
N ALA E 142 -6.79 33.09 13.54
CA ALA E 142 -6.21 33.25 14.87
C ALA E 142 -7.15 32.73 15.97
N ASN E 143 -8.33 33.31 16.07
CA ASN E 143 -9.31 32.92 17.06
C ASN E 143 -10.62 32.60 16.36
N ARG E 144 -11.57 32.04 17.13
CA ARG E 144 -12.75 31.46 16.50
C ARG E 144 -13.66 32.53 15.92
N GLU E 145 -13.66 33.72 16.49
CA GLU E 145 -14.52 34.79 15.99
C GLU E 145 -14.05 35.37 14.67
N THR E 146 -12.93 34.91 14.13
CA THR E 146 -12.53 35.18 12.75
C THR E 146 -12.87 34.01 11.83
N ALA E 147 -12.76 32.78 12.30
CA ALA E 147 -13.03 31.63 11.44
C ALA E 147 -14.49 31.27 11.34
N MET E 148 -15.41 32.05 11.93
CA MET E 148 -16.82 31.83 11.66
C MET E 148 -17.32 32.70 10.53
N LEU E 149 -16.41 33.32 9.77
CA LEU E 149 -16.82 34.06 8.60
C LEU E 149 -16.98 33.16 7.38
N GLY E 150 -16.09 32.20 7.20
CA GLY E 150 -16.16 31.32 6.05
C GLY E 150 -17.26 30.29 6.18
N THR E 151 -17.22 29.30 5.31
CA THR E 151 -18.17 28.21 5.36
C THR E 151 -17.94 27.39 6.63
N HIS E 152 -19.01 27.08 7.35
CA HIS E 152 -18.84 26.30 8.57
C HIS E 152 -20.11 25.52 8.87
N VAL E 153 -19.92 24.33 9.44
CA VAL E 153 -21.01 23.43 9.79
C VAL E 153 -20.84 23.01 11.23
N ILE E 154 -21.79 23.37 12.08
CA ILE E 154 -21.70 23.04 13.50
C ILE E 154 -22.21 21.62 13.71
N TRP E 155 -21.42 20.80 14.38
CA TRP E 155 -21.65 19.36 14.44
C TRP E 155 -21.85 18.93 15.88
N ASP E 156 -22.87 18.11 16.12
CA ASP E 156 -23.25 17.70 17.46
C ASP E 156 -23.22 16.18 17.57
N PHE E 157 -22.64 15.66 18.64
CA PHE E 157 -22.55 14.23 18.80
C PHE E 157 -23.86 13.68 19.34
N GLY E 158 -24.19 12.47 18.91
CA GLY E 158 -25.41 11.83 19.38
C GLY E 158 -25.48 10.37 18.99
N LEU E 159 -26.67 9.91 18.60
CA LEU E 159 -26.79 8.56 18.08
C LEU E 159 -26.10 8.45 16.73
N GLN E 160 -26.21 9.49 15.90
CA GLN E 160 -25.44 9.54 14.67
C GLN E 160 -23.98 9.86 14.98
N SER E 161 -23.12 9.56 14.03
CA SER E 161 -21.71 9.74 14.29
C SER E 161 -20.96 10.25 13.08
N SER E 162 -21.58 11.09 12.26
CA SER E 162 -20.91 11.57 11.07
C SER E 162 -21.51 12.89 10.62
N VAL E 163 -20.65 13.83 10.24
CA VAL E 163 -21.05 14.98 9.47
C VAL E 163 -20.09 15.06 8.31
N SER E 164 -20.53 15.63 7.21
CA SER E 164 -19.76 15.62 5.98
C SER E 164 -19.77 17.01 5.36
N LEU E 165 -18.74 17.79 5.67
CA LEU E 165 -18.59 19.11 5.08
C LEU E 165 -18.33 18.99 3.60
N VAL E 166 -19.03 19.79 2.79
CA VAL E 166 -18.83 19.83 1.36
C VAL E 166 -18.07 21.11 1.06
N ILE E 167 -16.76 20.99 0.85
CA ILE E 167 -15.90 22.11 0.48
C ILE E 167 -16.26 22.52 -0.94
N PRO E 168 -16.80 23.70 -1.14
CA PRO E 168 -17.26 24.07 -2.48
C PRO E 168 -16.13 24.37 -3.45
N TRP E 169 -16.49 24.73 -4.66
CA TRP E 169 -15.52 25.06 -5.70
C TRP E 169 -15.60 26.56 -5.92
N ILE E 170 -14.78 27.29 -5.19
CA ILE E 170 -14.73 28.74 -5.31
C ILE E 170 -13.36 29.09 -5.86
N SER E 171 -13.30 29.39 -7.16
CA SER E 171 -12.02 29.68 -7.78
C SER E 171 -12.25 30.51 -9.02
N ASN E 172 -11.27 31.34 -9.33
CA ASN E 172 -11.35 32.16 -10.53
C ASN E 172 -11.16 31.34 -11.79
N THR E 173 -10.15 30.48 -11.83
CA THR E 173 -9.89 29.69 -13.02
C THR E 173 -10.87 28.53 -13.12
N HIS E 174 -10.83 27.84 -14.26
CA HIS E 174 -11.61 26.63 -14.42
C HIS E 174 -10.90 25.40 -13.87
N PHE E 175 -9.60 25.47 -13.63
CA PHE E 175 -8.85 24.33 -13.11
C PHE E 175 -7.77 24.87 -12.18
N ARG E 176 -6.98 23.96 -11.61
CA ARG E 176 -5.93 24.33 -10.68
C ARG E 176 -4.77 23.37 -10.85
N THR E 177 -3.57 23.89 -11.06
CA THR E 177 -2.49 23.07 -11.62
C THR E 177 -1.90 22.05 -10.64
N ALA E 178 -2.31 22.05 -9.37
CA ALA E 178 -1.98 21.01 -8.40
C ALA E 178 -0.47 20.86 -8.19
N LYS E 179 0.17 21.97 -7.86
CA LYS E 179 1.58 21.98 -7.51
C LYS E 179 1.80 23.21 -6.65
N THR E 180 2.74 23.14 -5.72
CA THR E 180 3.00 24.27 -4.84
C THR E 180 4.46 24.69 -4.93
N GLY E 181 4.75 25.85 -4.35
CA GLY E 181 6.06 26.43 -4.41
C GLY E 181 6.00 27.91 -4.11
N GLY E 182 6.81 28.71 -4.80
CA GLY E 182 6.74 30.14 -4.63
C GLY E 182 5.87 30.80 -5.66
N ASN E 183 6.16 30.54 -6.92
CA ASN E 183 5.40 31.14 -8.01
C ASN E 183 4.03 30.49 -8.17
N TYR E 184 3.86 29.26 -7.70
CA TYR E 184 2.60 28.56 -7.82
C TYR E 184 1.73 28.70 -6.59
N ASP E 185 1.95 29.70 -5.76
CA ASP E 185 1.02 29.94 -4.67
C ASP E 185 -0.25 30.62 -5.12
N TYR E 186 -0.31 31.01 -6.38
CA TYR E 186 -1.53 31.52 -6.97
C TYR E 186 -2.63 30.47 -7.10
N TYR E 187 -2.32 29.19 -6.88
CA TYR E 187 -3.28 28.10 -7.00
C TYR E 187 -3.47 27.35 -5.68
N THR E 188 -3.61 28.06 -4.57
CA THR E 188 -3.80 27.38 -3.28
C THR E 188 -5.24 27.56 -2.81
N ALA E 189 -5.62 26.82 -1.76
CA ALA E 189 -7.05 26.74 -1.49
C ALA E 189 -7.45 26.71 -0.01
N GLY E 190 -6.66 27.22 0.91
CA GLY E 190 -7.15 27.53 2.24
C GLY E 190 -7.22 26.34 3.20
N VAL E 191 -7.62 26.66 4.44
CA VAL E 191 -7.39 25.80 5.60
C VAL E 191 -8.73 25.32 6.14
N VAL E 192 -8.75 24.15 6.79
CA VAL E 192 -9.96 23.45 7.24
C VAL E 192 -9.93 23.25 8.76
N THR E 193 -9.64 24.30 9.51
CA THR E 193 -9.51 24.23 10.97
C THR E 193 -10.73 23.62 11.67
N LEU E 194 -10.48 22.78 12.67
CA LEU E 194 -11.50 22.32 13.61
C LEU E 194 -11.43 23.09 14.91
N TRP E 195 -12.54 23.65 15.34
CA TRP E 195 -12.58 24.40 16.57
C TRP E 195 -13.50 23.71 17.55
N TYR E 196 -13.15 23.74 18.84
CA TYR E 196 -14.12 23.34 19.85
C TYR E 196 -15.23 24.35 19.89
N GLN E 197 -16.46 23.85 19.80
CA GLN E 197 -17.58 24.77 19.95
C GLN E 197 -17.81 25.09 21.41
N THR E 198 -18.15 24.10 22.23
CA THR E 198 -18.32 24.34 23.66
C THR E 198 -17.25 23.64 24.48
N ASN E 199 -17.26 22.30 24.52
CA ASN E 199 -16.40 21.52 25.41
C ASN E 199 -16.65 20.05 25.14
N TYR E 200 -15.91 19.17 25.80
CA TYR E 200 -16.11 17.72 25.73
C TYR E 200 -16.43 17.23 27.14
N VAL E 201 -17.71 17.01 27.42
CA VAL E 201 -18.18 16.80 28.78
C VAL E 201 -18.36 15.30 29.01
N VAL E 202 -17.87 14.81 30.14
CA VAL E 202 -17.74 13.38 30.37
C VAL E 202 -18.24 12.97 31.75
N PRO E 203 -19.04 11.92 31.87
CA PRO E 203 -19.53 11.48 33.19
C PRO E 203 -18.41 10.81 33.97
N PRO E 204 -18.58 10.59 35.27
CA PRO E 204 -17.49 9.97 36.04
C PRO E 204 -17.35 8.48 35.77
N GLU E 205 -16.11 8.00 35.92
CA GLU E 205 -15.66 6.67 35.49
C GLU E 205 -15.99 6.42 34.02
N THR E 206 -15.31 7.19 33.18
CA THR E 206 -15.43 7.11 31.74
C THR E 206 -14.08 7.63 31.27
N PRO E 207 -13.50 7.03 30.24
CA PRO E 207 -12.20 7.51 29.75
C PRO E 207 -12.26 8.93 29.23
N GLY E 208 -11.16 9.66 29.43
CA GLY E 208 -11.18 11.10 29.25
C GLY E 208 -10.52 11.63 27.99
N GLU E 209 -10.27 10.76 27.00
CA GLU E 209 -9.89 11.21 25.67
C GLU E 209 -10.61 10.38 24.63
N ALA E 210 -11.12 11.04 23.62
CA ALA E 210 -11.68 10.36 22.47
C ALA E 210 -10.88 10.75 21.24
N TYR E 211 -11.17 10.08 20.13
CA TYR E 211 -10.39 10.17 18.92
C TYR E 211 -11.31 10.37 17.73
N ILE E 212 -11.10 11.44 16.97
CA ILE E 212 -11.88 11.70 15.77
C ILE E 212 -11.11 11.24 14.57
N ILE E 213 -11.66 10.28 13.82
CA ILE E 213 -11.08 9.84 12.56
C ILE E 213 -11.63 10.71 11.45
N ALA E 214 -10.75 11.33 10.67
CA ALA E 214 -11.15 12.13 9.53
C ALA E 214 -11.07 11.30 8.27
N MET E 215 -11.97 11.57 7.32
CA MET E 215 -11.93 10.85 6.06
C MET E 215 -11.91 11.84 4.90
N GLY E 216 -12.07 11.37 3.67
CA GLY E 216 -11.99 12.25 2.51
C GLY E 216 -12.41 11.59 1.22
N ALA E 217 -12.87 12.36 0.24
CA ALA E 217 -13.51 11.78 -0.95
C ALA E 217 -13.46 12.80 -2.08
N ALA E 218 -14.32 12.62 -3.08
CA ALA E 218 -14.56 13.65 -4.08
C ALA E 218 -16.03 13.67 -4.47
N GLN E 219 -16.51 14.83 -4.89
CA GLN E 219 -17.90 14.99 -5.29
C GLN E 219 -18.11 14.56 -6.72
N ASP E 220 -19.25 14.97 -7.29
CA ASP E 220 -19.73 14.43 -8.55
C ASP E 220 -19.31 15.23 -9.77
N ASN E 221 -18.80 16.44 -9.62
CA ASN E 221 -18.32 17.19 -10.77
C ASN E 221 -16.80 17.26 -10.78
N PHE E 222 -16.17 16.15 -10.48
CA PHE E 222 -14.72 16.06 -10.37
C PHE E 222 -14.16 15.58 -11.70
N THR E 223 -13.31 16.38 -12.34
CA THR E 223 -12.68 15.99 -13.59
C THR E 223 -11.18 16.25 -13.52
N LEU E 224 -10.41 15.51 -14.32
CA LEU E 224 -8.97 15.64 -14.39
C LEU E 224 -8.58 15.83 -15.84
N LYS E 225 -7.43 16.46 -16.09
CA LYS E 225 -7.16 16.84 -17.48
C LYS E 225 -5.94 16.20 -18.12
N ILE E 226 -4.72 16.43 -17.64
CA ILE E 226 -3.52 16.08 -18.40
C ILE E 226 -2.79 14.98 -17.68
N CYS E 227 -2.52 13.88 -18.39
CA CYS E 227 -1.77 12.77 -17.81
C CYS E 227 -0.28 13.07 -17.83
N LYS E 228 0.33 13.14 -16.65
CA LYS E 228 1.76 13.22 -16.53
C LYS E 228 2.24 11.96 -15.82
N ASP E 229 3.52 11.92 -15.52
CA ASP E 229 4.14 10.76 -14.91
C ASP E 229 4.61 11.14 -13.52
N THR E 230 4.35 10.28 -12.54
CA THR E 230 4.33 10.67 -11.15
C THR E 230 5.73 10.87 -10.58
N ASP E 231 5.80 11.10 -9.27
CA ASP E 231 7.04 11.42 -8.59
C ASP E 231 7.31 10.63 -7.33
N GLU E 232 6.40 9.76 -6.90
CA GLU E 232 6.58 8.99 -5.68
C GLU E 232 7.25 7.65 -5.93
N VAL E 233 7.92 7.49 -7.06
CA VAL E 233 8.56 6.24 -7.43
C VAL E 233 10.04 6.32 -7.07
N THR E 234 10.63 5.16 -6.78
CA THR E 234 12.01 5.07 -6.31
C THR E 234 12.67 3.82 -6.88
N GLN E 235 13.79 4.00 -7.57
CA GLN E 235 14.56 2.89 -8.12
C GLN E 235 15.95 3.39 -8.45
N GLN E 236 16.96 2.53 -8.30
CA GLN E 236 18.28 2.80 -8.83
C GLN E 236 18.91 1.58 -9.49
N ALA E 237 18.16 0.50 -9.66
CA ALA E 237 18.70 -0.75 -10.18
C ALA E 237 17.71 -1.29 -11.20
N VAL E 238 17.85 -2.57 -11.54
CA VAL E 238 16.97 -3.23 -12.49
C VAL E 238 16.04 -4.22 -11.78
N LEU E 239 16.06 -4.23 -10.44
CA LEU E 239 15.41 -5.21 -9.57
C LEU E 239 15.88 -6.62 -9.91
N GLN E 240 17.16 -6.85 -9.64
CA GLN E 240 17.76 -8.16 -9.91
C GLN E 240 17.19 -9.24 -8.99
N ASN F 29 -11.99 3.74 -37.62
CA ASN F 29 -13.02 2.88 -38.18
C ASN F 29 -12.60 2.25 -39.50
N ILE F 30 -11.33 1.82 -39.59
CA ILE F 30 -10.83 1.10 -40.75
C ILE F 30 -9.74 0.17 -40.27
N ASN F 31 -9.56 -0.94 -41.00
CA ASN F 31 -8.66 -1.99 -40.58
C ASN F 31 -8.11 -2.66 -41.83
N TYR F 32 -6.79 -2.69 -41.98
CA TYR F 32 -6.21 -3.16 -43.23
C TYR F 32 -5.90 -4.64 -43.22
N TYR F 33 -5.97 -5.29 -42.07
CA TYR F 33 -5.69 -6.70 -41.96
C TYR F 33 -6.99 -7.44 -41.76
N LYS F 34 -6.94 -8.76 -41.89
CA LYS F 34 -8.15 -9.54 -41.72
C LYS F 34 -8.28 -10.13 -40.33
N ASP F 35 -7.62 -9.53 -39.33
CA ASP F 35 -7.79 -9.90 -37.94
C ASP F 35 -8.28 -8.71 -37.15
N SER F 36 -8.91 -9.00 -36.01
CA SER F 36 -9.60 -7.95 -35.26
C SER F 36 -8.76 -7.36 -34.15
N TYR F 37 -7.74 -8.06 -33.67
CA TYR F 37 -6.90 -7.53 -32.62
C TYR F 37 -5.79 -6.64 -33.13
N ALA F 38 -5.62 -6.56 -34.44
CA ALA F 38 -4.57 -5.75 -35.02
C ALA F 38 -4.99 -4.32 -35.27
N ALA F 39 -6.22 -3.96 -34.94
CA ALA F 39 -6.76 -2.67 -35.31
C ALA F 39 -6.30 -1.60 -34.33
N SER F 40 -6.87 -0.42 -34.43
CA SER F 40 -6.56 0.69 -33.55
C SER F 40 -7.46 0.63 -32.32
N ALA F 41 -7.51 1.71 -31.56
CA ALA F 41 -8.45 1.79 -30.45
C ALA F 41 -9.87 1.94 -30.98
N THR F 42 -10.82 1.32 -30.29
CA THR F 42 -12.20 1.30 -30.74
C THR F 42 -12.95 2.53 -30.23
N ARG F 43 -14.28 2.50 -30.34
CA ARG F 43 -15.14 3.64 -30.04
C ARG F 43 -15.11 3.97 -28.55
N GLN F 44 -15.56 5.18 -28.23
CA GLN F 44 -15.50 5.67 -26.87
C GLN F 44 -16.49 4.93 -25.99
N ASP F 45 -16.16 4.84 -24.71
CA ASP F 45 -16.97 4.04 -23.81
C ASP F 45 -18.18 4.81 -23.32
N PHE F 46 -17.94 5.96 -22.66
CA PHE F 46 -18.97 6.92 -22.25
C PHE F 46 -20.03 6.34 -21.33
N THR F 47 -19.67 5.39 -20.49
CA THR F 47 -20.64 4.86 -19.55
C THR F 47 -19.98 4.59 -18.23
N GLN F 48 -20.75 4.75 -17.15
CA GLN F 48 -20.28 4.56 -15.80
C GLN F 48 -21.49 4.47 -14.89
N ASP F 49 -21.30 3.83 -13.74
CA ASP F 49 -22.37 3.60 -12.77
C ASP F 49 -21.78 3.41 -11.39
N PRO F 50 -21.58 4.50 -10.65
CA PRO F 50 -20.82 4.43 -9.41
C PRO F 50 -21.58 3.85 -8.23
N LYS F 51 -22.80 3.38 -8.40
CA LYS F 51 -23.57 2.87 -7.26
C LYS F 51 -23.13 1.48 -6.83
N LYS F 52 -22.23 0.83 -7.53
CA LYS F 52 -21.68 -0.41 -7.03
C LYS F 52 -20.37 -0.21 -6.30
N PHE F 53 -19.93 1.02 -6.10
CA PHE F 53 -18.77 1.28 -5.28
C PHE F 53 -19.04 2.27 -4.16
N THR F 54 -19.99 3.16 -4.33
CA THR F 54 -20.33 4.08 -3.24
C THR F 54 -21.27 3.42 -2.26
N GLN F 55 -22.46 3.01 -2.71
CA GLN F 55 -23.54 2.57 -1.84
C GLN F 55 -24.01 1.18 -2.18
N PRO F 56 -23.29 0.14 -1.77
CA PRO F 56 -23.75 -1.24 -2.02
C PRO F 56 -24.51 -1.85 -0.85
N VAL F 57 -25.53 -1.14 -0.36
CA VAL F 57 -26.28 -1.65 0.78
C VAL F 57 -27.62 -2.16 0.30
N LEU F 58 -28.23 -3.03 1.11
CA LEU F 58 -29.52 -3.60 0.76
C LEU F 58 -30.64 -2.59 1.00
N ASP F 59 -30.80 -2.15 2.24
CA ASP F 59 -31.82 -1.18 2.58
C ASP F 59 -31.35 0.18 2.09
N SER F 60 -31.84 0.58 0.92
CA SER F 60 -31.33 1.77 0.23
C SER F 60 -31.75 3.01 1.00
N ILE F 61 -30.77 3.72 1.54
CA ILE F 61 -31.04 4.94 2.28
C ILE F 61 -31.19 6.10 1.30
N ARG F 62 -31.96 7.09 1.69
CA ARG F 62 -32.14 8.27 0.86
C ARG F 62 -31.27 9.39 1.41
N GLU F 63 -31.29 10.53 0.71
CA GLU F 63 -30.41 11.62 1.08
C GLU F 63 -30.96 12.42 2.25
N LEU F 64 -32.28 12.53 2.35
CA LEU F 64 -32.91 13.41 3.33
C LEU F 64 -33.51 12.65 4.50
N SER F 65 -32.84 11.64 5.03
CA SER F 65 -33.37 10.91 6.17
C SER F 65 -32.22 10.50 7.09
N ALA F 66 -32.58 10.12 8.31
CA ALA F 66 -31.60 9.63 9.27
C ALA F 66 -31.21 8.20 8.92
N PRO F 67 -29.93 7.93 8.65
CA PRO F 67 -29.57 6.64 8.05
C PRO F 67 -29.60 5.47 9.01
N LEU F 68 -29.63 5.70 10.32
CA LEU F 68 -29.77 4.64 11.31
C LEU F 68 -31.03 4.92 12.09
N ASN F 69 -32.16 4.46 11.57
CA ASN F 69 -33.46 4.86 12.08
C ASN F 69 -34.34 3.63 12.34
#